data_4FP1
#
_entry.id   4FP1
#
_cell.length_a   148.870
_cell.length_b   148.870
_cell.length_c   169.640
_cell.angle_alpha   90.00
_cell.angle_beta   90.00
_cell.angle_gamma   90.00
#
_symmetry.space_group_name_H-M   'I 4 2 2'
#
loop_
_entity.id
_entity.type
_entity.pdbx_description
1 polymer 'Mandelate racemase'
2 non-polymer 'MAGNESIUM ION'
3 non-polymer '3,3,3-trifluoro-2-hydroxy-2-(trifluoromethyl)propanoic acid'
4 water water
#
_entity_poly.entity_id   1
_entity_poly.type   'polypeptide(L)'
_entity_poly.pdbx_seq_one_letter_code
;MASWSHPQFEKGALEVLFQGPGYHMSEVLITGLRTRAVNVPLAYPVHTAVGTVGTAPLVLIDLATSAGVVGHSYLFAYTP
VALKSLKQLLDDMAAMIVNEPLAPVSLEAMLAKRFCLAGYTGLIRMAAAGIDMAAWDALGKVHETPLVKLLGANARPVQA
YDSHSLDGVKLATERAVTAAELGFRAVKTKIGYPALDQDLAVVRSIRQAVGDDFGIMVDYNQSLDVPAAIKRSQALQQEG
VTWIEEPTLQHDYEGHQRIQSKLNVPVQMGENWLGPEEMFKALSIGACRLAMPDAMKIGGVTGWIRASALAQQFGIPMSS
HLFQEISAHLLAATPTAHWLERLDLAGSVIEPTLTFEGGNAVIPDLPGVGIIWREKEIGKYLV
;
_entity_poly.pdbx_strand_id   A,B
#
loop_
_chem_comp.id
_chem_comp.type
_chem_comp.name
_chem_comp.formula
BFM non-polymer '3,3,3-trifluoro-2-hydroxy-2-(trifluoromethyl)propanoic acid' 'C4 H2 F6 O3'
MG non-polymer 'MAGNESIUM ION' 'Mg 2'
#
# COMPACT_ATOMS: atom_id res chain seq x y z
N GLU A 27 32.64 -4.82 -0.37
CA GLU A 27 33.60 -4.35 0.64
C GLU A 27 32.95 -4.17 2.02
N VAL A 28 31.89 -3.35 2.16
CA VAL A 28 31.16 -3.34 3.46
C VAL A 28 29.84 -4.11 3.30
N LEU A 29 29.60 -5.06 4.21
CA LEU A 29 28.40 -5.90 4.13
C LEU A 29 27.51 -5.62 5.31
N ILE A 30 26.20 -5.77 5.11
CA ILE A 30 25.26 -5.78 6.23
C ILE A 30 25.40 -7.11 6.98
N THR A 31 25.59 -7.01 8.29
CA THR A 31 25.81 -8.25 9.09
C THR A 31 24.71 -8.54 10.11
N GLY A 32 23.76 -7.61 10.31
CA GLY A 32 22.67 -7.93 11.25
C GLY A 32 21.59 -6.87 11.13
N LEU A 33 20.39 -7.24 11.55
CA LEU A 33 19.26 -6.30 11.62
CA LEU A 33 19.29 -6.27 11.65
C LEU A 33 18.58 -6.51 12.97
N ARG A 34 18.52 -5.48 13.78
CA ARG A 34 17.78 -5.58 15.04
C ARG A 34 16.62 -4.60 15.03
N THR A 35 15.45 -5.05 15.48
CA THR A 35 14.27 -4.16 15.59
C THR A 35 13.71 -4.18 17.00
N ARG A 36 13.22 -3.02 17.44
CA ARG A 36 12.61 -2.90 18.75
C ARG A 36 11.30 -2.12 18.59
N ALA A 37 10.19 -2.75 18.96
CA ALA A 37 8.90 -2.02 18.93
C ALA A 37 8.70 -1.27 20.24
N VAL A 38 8.40 0.03 20.17
CA VAL A 38 8.16 0.82 21.38
C VAL A 38 6.86 1.61 21.19
N ASN A 39 6.20 1.91 22.29
CA ASN A 39 5.08 2.86 22.33
C ASN A 39 5.48 4.00 23.20
N VAL A 40 5.78 5.16 22.61
CA VAL A 40 6.51 6.22 23.30
C VAL A 40 5.65 7.42 23.66
N PRO A 41 6.02 8.10 24.77
CA PRO A 41 5.27 9.25 25.24
C PRO A 41 5.52 10.49 24.41
N LEU A 42 4.37 11.14 24.20
CA LEU A 42 4.17 12.48 23.68
C LEU A 42 3.41 13.26 24.78
N ALA A 43 4.04 14.36 25.18
CA ALA A 43 3.42 15.42 25.96
C ALA A 43 1.99 15.76 25.49
N TYR A 44 1.85 15.87 24.18
CA TYR A 44 0.63 16.35 23.63
C TYR A 44 0.23 15.36 22.57
N PRO A 45 -0.78 14.56 22.89
CA PRO A 45 -1.40 13.63 21.93
C PRO A 45 -1.84 14.30 20.67
N VAL A 46 -1.62 13.63 19.53
CA VAL A 46 -1.94 14.22 18.26
C VAL A 46 -3.38 13.95 17.90
N HIS A 47 -4.25 14.84 18.35
CA HIS A 47 -5.62 14.84 17.91
C HIS A 47 -5.76 15.22 16.44
N THR A 48 -6.60 14.48 15.71
CA THR A 48 -6.92 14.89 14.35
C THR A 48 -8.43 14.77 14.14
N ALA A 49 -8.90 15.35 13.03
CA ALA A 49 -10.31 15.25 12.64
C ALA A 49 -10.77 13.80 12.43
N VAL A 50 -9.83 12.87 12.23
CA VAL A 50 -10.18 11.48 11.93
C VAL A 50 -9.73 10.49 13.01
N GLY A 51 -9.35 11.00 14.18
CA GLY A 51 -8.87 10.15 15.30
C GLY A 51 -7.69 10.73 16.06
N THR A 52 -7.45 10.23 17.28
CA THR A 52 -6.31 10.68 18.08
C THR A 52 -5.14 9.69 17.91
N VAL A 53 -3.93 10.22 17.69
CA VAL A 53 -2.67 9.45 17.88
C VAL A 53 -2.17 9.79 19.31
N GLY A 54 -2.54 8.98 20.31
CA GLY A 54 -2.27 9.32 21.70
C GLY A 54 -0.87 8.94 22.19
N THR A 55 -0.24 8.00 21.49
CA THR A 55 1.12 7.58 21.82
C THR A 55 1.82 7.20 20.52
N ALA A 56 3.14 7.32 20.45
CA ALA A 56 3.76 7.08 19.17
C ALA A 56 4.25 5.62 19.09
N PRO A 57 3.63 4.80 18.23
CA PRO A 57 4.20 3.43 18.03
C PRO A 57 5.32 3.48 17.00
N LEU A 58 6.55 3.16 17.42
CA LEU A 58 7.71 3.20 16.52
C LEU A 58 8.42 1.85 16.49
N VAL A 59 9.06 1.56 15.36
CA VAL A 59 9.99 0.47 15.31
C VAL A 59 11.38 1.07 15.18
N LEU A 60 12.26 0.77 16.15
CA LEU A 60 13.61 1.30 16.13
C LEU A 60 14.51 0.28 15.43
N ILE A 61 15.38 0.73 14.54
CA ILE A 61 16.14 -0.17 13.67
C ILE A 61 17.64 0.04 13.88
N ASP A 62 18.34 -1.09 14.09
CA ASP A 62 19.79 -1.10 14.13
C ASP A 62 20.33 -2.02 13.06
N LEU A 63 21.15 -1.48 12.15
CA LEU A 63 21.66 -2.21 11.02
C LEU A 63 23.17 -2.40 11.24
N ALA A 64 23.54 -3.61 11.65
CA ALA A 64 24.97 -3.90 11.88
C ALA A 64 25.72 -4.09 10.58
N THR A 65 27.02 -3.77 10.60
CA THR A 65 27.84 -3.90 9.40
C THR A 65 29.19 -4.54 9.67
N SER A 66 29.80 -4.98 8.59
CA SER A 66 31.18 -5.55 8.64
C SER A 66 32.23 -4.47 8.88
N ALA A 67 31.85 -3.19 8.77
CA ALA A 67 32.71 -2.07 9.19
C ALA A 67 32.61 -1.74 10.67
N GLY A 68 31.74 -2.44 11.40
CA GLY A 68 31.54 -2.24 12.82
C GLY A 68 30.51 -1.18 13.19
N VAL A 69 30.43 -0.14 12.37
CA VAL A 69 29.44 0.89 12.59
C VAL A 69 28.05 0.27 12.46
N VAL A 70 27.08 0.90 13.12
CA VAL A 70 25.69 0.40 13.12
C VAL A 70 24.84 1.56 12.59
N GLY A 71 24.11 1.29 11.52
CA GLY A 71 23.11 2.30 11.03
C GLY A 71 21.87 2.32 11.91
N HIS A 72 21.33 3.50 12.14
CA HIS A 72 20.14 3.69 12.94
C HIS A 72 19.04 4.36 12.13
N SER A 73 17.84 3.89 12.31
CA SER A 73 16.66 4.64 11.80
C SER A 73 15.48 4.20 12.60
N TYR A 74 14.29 4.72 12.25
CA TYR A 74 13.08 4.21 12.87
C TYR A 74 11.89 4.36 11.92
N LEU A 75 10.84 3.63 12.23
CA LEU A 75 9.58 3.71 11.50
C LEU A 75 8.50 4.16 12.41
N PHE A 76 7.51 4.86 11.83
CA PHE A 76 6.31 5.23 12.59
C PHE A 76 5.20 4.33 12.07
N ALA A 77 4.50 3.66 12.99
CA ALA A 77 3.43 2.72 12.61
C ALA A 77 2.02 3.31 12.62
N TYR A 78 1.89 4.58 13.03
CA TYR A 78 0.64 5.37 13.03
C TYR A 78 -0.35 4.93 14.09
N THR A 79 -0.61 3.65 14.15
CA THR A 79 -1.56 3.13 15.13
C THR A 79 -0.94 1.88 15.76
N PRO A 80 -1.12 1.68 17.04
CA PRO A 80 -0.55 0.48 17.62
C PRO A 80 -1.09 -0.81 17.00
N VAL A 81 -2.22 -0.77 16.29
CA VAL A 81 -2.73 -1.94 15.58
C VAL A 81 -1.74 -2.50 14.57
N ALA A 82 -0.92 -1.62 13.97
CA ALA A 82 0.01 -2.02 12.95
C ALA A 82 1.43 -2.29 13.46
N LEU A 83 1.66 -2.02 14.74
CA LEU A 83 3.03 -1.98 15.28
C LEU A 83 3.72 -3.37 15.25
N LYS A 84 3.06 -4.37 15.85
CA LYS A 84 3.67 -5.72 15.85
C LYS A 84 3.83 -6.32 14.45
N SER A 85 2.87 -6.04 13.56
CA SER A 85 2.93 -6.50 12.18
C SER A 85 4.14 -5.90 11.46
N LEU A 86 4.36 -4.60 11.65
CA LEU A 86 5.47 -3.93 11.00
C LEU A 86 6.82 -4.46 11.48
N LYS A 87 6.92 -4.69 12.79
CA LYS A 87 8.16 -5.24 13.34
C LYS A 87 8.42 -6.64 12.78
N GLN A 88 7.37 -7.46 12.76
CA GLN A 88 7.51 -8.83 12.24
C GLN A 88 7.89 -8.85 10.78
N LEU A 89 7.30 -7.94 10.00
CA LEU A 89 7.63 -7.84 8.60
C LEU A 89 9.13 -7.50 8.41
N LEU A 90 9.60 -6.50 9.13
CA LEU A 90 11.01 -6.16 9.07
C LEU A 90 11.89 -7.33 9.51
N ASP A 91 11.53 -7.99 10.60
CA ASP A 91 12.35 -9.15 11.05
C ASP A 91 12.46 -10.19 9.93
N ASP A 92 11.35 -10.46 9.26
CA ASP A 92 11.36 -11.45 8.18
C ASP A 92 12.10 -10.97 6.93
N MET A 93 12.15 -9.67 6.75
CA MET A 93 12.84 -9.03 5.64
CA MET A 93 12.87 -9.09 5.62
C MET A 93 14.36 -9.12 5.85
N ALA A 94 14.78 -9.31 7.10
CA ALA A 94 16.23 -9.39 7.41
C ALA A 94 16.93 -10.40 6.52
N ALA A 95 16.26 -11.52 6.27
CA ALA A 95 16.82 -12.58 5.46
C ALA A 95 17.24 -12.13 4.06
N MET A 96 16.54 -11.14 3.51
CA MET A 96 16.86 -10.62 2.20
C MET A 96 18.09 -9.71 2.16
N ILE A 97 18.45 -9.09 3.29
CA ILE A 97 19.49 -8.05 3.25
C ILE A 97 20.79 -8.41 3.96
N VAL A 98 20.73 -9.32 4.94
CA VAL A 98 22.00 -9.68 5.61
C VAL A 98 22.95 -10.37 4.63
N ASN A 99 24.24 -10.00 4.74
CA ASN A 99 25.30 -10.37 3.79
CA ASN A 99 25.29 -10.39 3.78
C ASN A 99 25.27 -9.70 2.43
N GLU A 100 24.31 -8.79 2.22
CA GLU A 100 24.36 -7.97 1.01
C GLU A 100 25.30 -6.77 1.26
N PRO A 101 25.93 -6.23 0.19
CA PRO A 101 26.71 -5.00 0.37
C PRO A 101 25.85 -3.82 0.88
N LEU A 102 26.49 -2.95 1.65
CA LEU A 102 25.88 -1.73 2.17
C LEU A 102 25.87 -0.71 1.03
N ALA A 103 24.95 -0.95 0.11
CA ALA A 103 24.84 -0.09 -1.08
C ALA A 103 23.35 0.19 -1.19
N PRO A 104 22.87 1.28 -0.58
CA PRO A 104 21.40 1.45 -0.44
C PRO A 104 20.64 1.48 -1.74
N VAL A 105 21.20 2.10 -2.77
CA VAL A 105 20.49 2.17 -4.09
C VAL A 105 20.33 0.76 -4.68
N SER A 106 21.38 -0.06 -4.58
CA SER A 106 21.26 -1.44 -5.07
C SER A 106 20.34 -2.29 -4.21
N LEU A 107 20.38 -2.09 -2.88
CA LEU A 107 19.48 -2.80 -1.95
CA LEU A 107 19.49 -2.82 -1.96
C LEU A 107 18.03 -2.47 -2.27
N GLU A 108 17.77 -1.19 -2.55
CA GLU A 108 16.40 -0.79 -2.86
C GLU A 108 15.88 -1.46 -4.13
N ALA A 109 16.71 -1.51 -5.17
CA ALA A 109 16.31 -2.18 -6.41
C ALA A 109 16.02 -3.65 -6.16
N MET A 110 16.85 -4.28 -5.34
CA MET A 110 16.65 -5.71 -5.02
C MET A 110 15.33 -5.92 -4.29
N LEU A 111 15.03 -5.06 -3.30
CA LEU A 111 13.76 -5.18 -2.55
C LEU A 111 12.55 -4.90 -3.46
N ALA A 112 12.67 -3.93 -4.36
CA ALA A 112 11.56 -3.63 -5.29
C ALA A 112 11.23 -4.84 -6.16
N LYS A 113 12.27 -5.56 -6.57
CA LYS A 113 12.08 -6.77 -7.39
C LYS A 113 11.52 -7.92 -6.56
N ARG A 114 12.06 -8.10 -5.35
CA ARG A 114 11.60 -9.18 -4.46
C ARG A 114 10.11 -9.03 -4.13
N PHE A 115 9.62 -7.80 -4.07
CA PHE A 115 8.24 -7.61 -3.65
C PHE A 115 7.31 -7.18 -4.77
N CYS A 116 7.76 -7.40 -6.00
CA CYS A 116 7.04 -7.07 -7.27
CA CYS A 116 6.96 -6.93 -7.12
C CYS A 116 5.63 -7.68 -7.28
N LEU A 117 5.56 -8.94 -6.85
CA LEU A 117 4.28 -9.66 -6.87
C LEU A 117 3.40 -9.32 -5.67
N ALA A 118 3.98 -9.26 -4.47
CA ALA A 118 3.22 -8.97 -3.28
C ALA A 118 2.62 -7.57 -3.31
N GLY A 119 3.38 -6.65 -3.90
CA GLY A 119 2.97 -5.24 -3.89
C GLY A 119 3.94 -4.40 -3.09
N TYR A 120 4.81 -3.68 -3.80
CA TYR A 120 5.88 -2.90 -3.15
C TYR A 120 5.29 -1.56 -2.70
N THR A 121 4.42 -1.63 -1.69
CA THR A 121 3.72 -0.45 -1.21
C THR A 121 3.32 -0.71 0.23
N GLY A 122 2.64 0.26 0.86
CA GLY A 122 2.12 0.10 2.21
C GLY A 122 3.21 -0.35 3.20
N LEU A 123 2.87 -1.26 4.10
CA LEU A 123 3.81 -1.69 5.15
C LEU A 123 5.10 -2.23 4.57
N ILE A 124 5.02 -2.98 3.47
CA ILE A 124 6.25 -3.52 2.84
C ILE A 124 7.21 -2.40 2.41
N ARG A 125 6.66 -1.40 1.75
CA ARG A 125 7.46 -0.26 1.34
C ARG A 125 8.03 0.53 2.52
N MET A 126 7.22 0.68 3.57
CA MET A 126 7.65 1.38 4.78
C MET A 126 8.84 0.63 5.41
N ALA A 127 8.73 -0.68 5.48
CA ALA A 127 9.83 -1.49 6.01
C ALA A 127 11.07 -1.35 5.16
N ALA A 128 10.93 -1.43 3.84
CA ALA A 128 12.06 -1.21 2.91
C ALA A 128 12.74 0.16 3.16
N ALA A 129 11.92 1.19 3.40
CA ALA A 129 12.42 2.54 3.67
C ALA A 129 13.20 2.62 4.98
N GLY A 130 12.75 1.86 6.00
CA GLY A 130 13.46 1.83 7.29
C GLY A 130 14.86 1.27 7.07
N ILE A 131 14.95 0.21 6.29
CA ILE A 131 16.25 -0.36 5.90
CA ILE A 131 16.26 -0.34 5.94
C ILE A 131 17.10 0.69 5.19
N ASP A 132 16.48 1.38 4.23
CA ASP A 132 17.23 2.36 3.47
C ASP A 132 17.80 3.48 4.34
N MET A 133 16.99 4.05 5.25
CA MET A 133 17.41 5.12 6.14
C MET A 133 18.54 4.65 7.06
N ALA A 134 18.44 3.41 7.54
CA ALA A 134 19.55 2.87 8.37
C ALA A 134 20.82 2.62 7.54
N ALA A 135 20.68 2.18 6.28
CA ALA A 135 21.84 1.87 5.40
C ALA A 135 22.59 3.17 5.09
N TRP A 136 21.84 4.25 4.83
CA TRP A 136 22.52 5.52 4.57
C TRP A 136 23.18 6.10 5.79
N ASP A 137 22.55 5.95 6.95
CA ASP A 137 23.17 6.37 8.19
C ASP A 137 24.51 5.59 8.34
N ALA A 138 24.44 4.28 8.13
CA ALA A 138 25.67 3.47 8.22
C ALA A 138 26.73 3.88 7.20
N LEU A 139 26.30 4.21 5.98
CA LEU A 139 27.26 4.63 4.96
C LEU A 139 27.95 5.95 5.36
N GLY A 140 27.18 6.92 5.92
CA GLY A 140 27.75 8.12 6.51
C GLY A 140 28.78 7.81 7.59
N LYS A 141 28.46 6.84 8.44
CA LYS A 141 29.40 6.40 9.47
C LYS A 141 30.66 5.70 8.92
N VAL A 142 30.53 4.89 7.86
CA VAL A 142 31.68 4.27 7.16
C VAL A 142 32.67 5.36 6.72
N HIS A 143 32.11 6.46 6.23
CA HIS A 143 32.90 7.56 5.69
C HIS A 143 33.13 8.71 6.65
N GLU A 144 32.74 8.53 7.91
CA GLU A 144 32.94 9.48 9.00
C GLU A 144 32.47 10.88 8.60
N THR A 145 31.27 10.96 8.02
CA THR A 145 30.81 12.24 7.45
C THR A 145 29.28 12.36 7.68
N PRO A 146 28.80 13.57 8.00
CA PRO A 146 27.35 13.70 8.12
C PRO A 146 26.67 13.32 6.79
N LEU A 147 25.45 12.79 6.86
CA LEU A 147 24.76 12.36 5.68
C LEU A 147 24.66 13.47 4.63
N VAL A 148 24.33 14.67 5.08
CA VAL A 148 24.18 15.78 4.08
C VAL A 148 25.43 15.90 3.21
N LYS A 149 26.61 15.73 3.81
CA LYS A 149 27.87 15.85 3.04
C LYS A 149 28.10 14.68 2.11
N LEU A 150 27.67 13.48 2.51
CA LEU A 150 27.79 12.30 1.66
C LEU A 150 26.90 12.46 0.45
N LEU A 151 25.78 13.17 0.62
CA LEU A 151 24.88 13.46 -0.51
C LEU A 151 25.40 14.59 -1.40
N GLY A 152 26.50 15.23 -0.99
CA GLY A 152 27.17 16.19 -1.87
C GLY A 152 26.75 17.62 -1.56
N ALA A 153 26.09 17.84 -0.41
CA ALA A 153 25.61 19.20 -0.07
C ALA A 153 26.27 19.75 1.19
N ASN A 154 26.24 21.06 1.39
CA ASN A 154 26.65 21.62 2.69
C ASN A 154 25.50 21.60 3.67
N ALA A 155 25.82 21.50 4.95
CA ALA A 155 24.77 21.64 5.96
C ALA A 155 24.34 23.10 5.89
N ARG A 156 23.04 23.33 5.99
CA ARG A 156 22.57 24.71 6.17
C ARG A 156 21.41 24.63 7.15
N PRO A 157 21.16 25.70 7.89
CA PRO A 157 20.00 25.72 8.78
C PRO A 157 18.74 25.73 7.90
N VAL A 158 17.70 25.03 8.31
CA VAL A 158 16.46 25.01 7.51
CA VAL A 158 16.46 24.95 7.52
C VAL A 158 15.28 25.40 8.40
N GLN A 159 14.51 26.38 7.92
CA GLN A 159 13.39 26.85 8.71
C GLN A 159 12.40 25.74 9.08
N ALA A 160 11.95 25.78 10.32
CA ALA A 160 11.07 24.72 10.85
C ALA A 160 9.82 25.29 11.43
N TYR A 161 8.69 24.58 11.27
CA TYR A 161 7.48 25.03 11.96
C TYR A 161 7.14 24.04 13.06
N ASP A 162 6.50 24.54 14.12
CA ASP A 162 6.15 23.67 15.24
C ASP A 162 4.78 23.10 14.99
N SER A 163 4.67 21.79 15.02
CA SER A 163 3.47 21.13 14.54
C SER A 163 2.59 20.67 15.70
N HIS A 164 1.39 21.21 15.73
CA HIS A 164 0.46 20.99 16.81
C HIS A 164 -0.70 20.08 16.43
N SER A 165 -1.82 20.09 17.14
CA SER A 165 -2.88 19.14 16.76
C SER A 165 -4.29 19.74 16.81
N LEU A 166 -5.32 18.91 16.90
CA LEU A 166 -6.70 19.41 16.88
C LEU A 166 -7.02 19.83 18.33
N ASP A 167 -6.55 21.02 18.71
CA ASP A 167 -6.29 21.31 20.13
C ASP A 167 -7.38 22.15 20.81
N GLY A 168 -8.32 22.71 20.04
CA GLY A 168 -9.26 23.68 20.62
C GLY A 168 -8.59 25.03 20.91
N VAL A 169 -9.38 26.06 21.21
CA VAL A 169 -8.85 27.41 21.35
CA VAL A 169 -8.82 27.43 21.34
C VAL A 169 -7.86 27.59 22.51
N LYS A 170 -8.19 27.04 23.69
CA LYS A 170 -7.32 27.20 24.85
C LYS A 170 -5.92 26.63 24.59
N LEU A 171 -5.86 25.34 24.24
CA LEU A 171 -4.58 24.69 24.05
C LEU A 171 -3.87 25.19 22.80
N ALA A 172 -4.61 25.49 21.73
CA ALA A 172 -3.92 25.99 20.52
C ALA A 172 -3.20 27.30 20.85
N THR A 173 -3.83 28.19 21.63
CA THR A 173 -3.23 29.47 21.99
CA THR A 173 -3.18 29.46 21.95
C THR A 173 -1.97 29.24 22.86
N GLU A 174 -2.10 28.38 23.86
CA GLU A 174 -1.00 28.06 24.77
C GLU A 174 0.21 27.53 23.98
N ARG A 175 -0.04 26.55 23.08
CA ARG A 175 1.04 25.96 22.33
C ARG A 175 1.68 26.94 21.33
N ALA A 176 0.85 27.81 20.75
CA ALA A 176 1.36 28.78 19.79
C ALA A 176 2.24 29.81 20.51
N VAL A 177 1.84 30.26 21.69
CA VAL A 177 2.71 31.20 22.45
C VAL A 177 4.07 30.54 22.76
N THR A 178 4.02 29.30 23.22
CA THR A 178 5.24 28.54 23.50
C THR A 178 6.15 28.44 22.27
N ALA A 179 5.57 28.07 21.12
CA ALA A 179 6.37 27.95 19.89
C ALA A 179 7.04 29.28 19.52
N ALA A 180 6.31 30.39 19.67
CA ALA A 180 6.84 31.70 19.31
C ALA A 180 7.99 32.06 20.28
N GLU A 181 7.82 31.70 21.55
CA GLU A 181 8.89 31.92 22.58
C GLU A 181 10.15 31.13 22.29
N LEU A 182 9.98 29.93 21.74
CA LEU A 182 11.08 29.06 21.36
C LEU A 182 11.80 29.49 20.08
N GLY A 183 11.27 30.50 19.37
CA GLY A 183 11.89 31.05 18.18
C GLY A 183 11.38 30.53 16.85
N PHE A 184 10.39 29.62 16.90
CA PHE A 184 9.75 29.22 15.64
C PHE A 184 9.04 30.42 15.02
N ARG A 185 9.01 30.47 13.69
CA ARG A 185 8.35 31.55 12.98
C ARG A 185 7.00 31.10 12.41
N ALA A 186 6.71 29.80 12.51
CA ALA A 186 5.45 29.27 11.99
C ALA A 186 4.98 28.13 12.86
N VAL A 187 3.67 27.93 12.89
CA VAL A 187 3.09 26.75 13.56
C VAL A 187 2.07 26.13 12.66
N LYS A 188 1.82 24.83 12.87
CA LYS A 188 0.72 24.17 12.14
C LYS A 188 -0.28 23.63 13.14
N THR A 189 -1.54 23.81 12.81
CA THR A 189 -2.62 23.25 13.64
C THR A 189 -3.47 22.32 12.79
N LYS A 190 -4.14 21.36 13.44
CA LYS A 190 -5.01 20.44 12.74
C LYS A 190 -6.43 20.93 12.92
N ILE A 191 -7.18 20.97 11.82
CA ILE A 191 -8.56 21.46 11.82
C ILE A 191 -9.45 20.40 11.17
N GLY A 192 -10.74 20.73 11.00
CA GLY A 192 -11.74 19.70 10.62
C GLY A 192 -12.67 19.43 11.78
N TYR A 193 -12.99 20.48 12.50
CA TYR A 193 -14.01 20.41 13.54
C TYR A 193 -15.37 20.30 12.84
N PRO A 194 -16.43 19.95 13.61
CA PRO A 194 -17.74 19.77 12.97
C PRO A 194 -18.23 20.97 12.17
N ALA A 195 -17.96 22.19 12.63
CA ALA A 195 -18.36 23.41 11.94
C ALA A 195 -17.16 24.20 11.45
N LEU A 196 -17.28 24.75 10.25
CA LEU A 196 -16.30 25.72 9.77
C LEU A 196 -16.02 26.85 10.78
N ASP A 197 -17.04 27.33 11.46
CA ASP A 197 -16.82 28.42 12.40
CA ASP A 197 -16.89 28.38 12.44
C ASP A 197 -15.84 28.01 13.52
N GLN A 198 -15.77 26.71 13.84
CA GLN A 198 -14.84 26.21 14.87
C GLN A 198 -13.43 26.20 14.30
N ASP A 199 -13.30 25.83 13.02
CA ASP A 199 -11.96 25.89 12.38
C ASP A 199 -11.45 27.33 12.41
N LEU A 200 -12.32 28.25 12.01
CA LEU A 200 -11.96 29.65 11.98
C LEU A 200 -11.62 30.20 13.35
N ALA A 201 -12.37 29.80 14.37
CA ALA A 201 -12.09 30.31 15.72
C ALA A 201 -10.68 29.91 16.14
N VAL A 202 -10.30 28.66 15.88
CA VAL A 202 -8.96 28.23 16.33
C VAL A 202 -7.86 28.97 15.57
N VAL A 203 -8.00 29.06 14.25
N VAL A 203 -7.99 29.07 14.25
CA VAL A 203 -7.00 29.74 13.44
CA VAL A 203 -6.93 29.73 13.49
C VAL A 203 -6.88 31.21 13.85
C VAL A 203 -6.86 31.24 13.83
N ARG A 204 -8.01 31.86 14.07
CA ARG A 204 -8.02 33.26 14.48
C ARG A 204 -7.40 33.45 15.86
N SER A 205 -7.62 32.51 16.77
CA SER A 205 -7.02 32.62 18.09
CA SER A 205 -7.00 32.63 18.09
C SER A 205 -5.49 32.48 18.02
N ILE A 206 -5.01 31.52 17.19
CA ILE A 206 -3.57 31.36 17.03
C ILE A 206 -2.98 32.67 16.49
N ARG A 207 -3.67 33.30 15.56
CA ARG A 207 -3.15 34.54 14.98
C ARG A 207 -2.97 35.63 16.07
N GLN A 208 -3.86 35.66 17.05
CA GLN A 208 -3.71 36.64 18.16
C GLN A 208 -2.53 36.32 19.01
N ALA A 209 -2.24 35.02 19.16
CA ALA A 209 -1.09 34.59 19.98
C ALA A 209 0.26 34.88 19.33
N VAL A 210 0.32 34.80 17.99
CA VAL A 210 1.61 34.84 17.27
C VAL A 210 1.90 36.12 16.50
N GLY A 211 0.87 36.92 16.27
CA GLY A 211 1.05 38.17 15.53
C GLY A 211 1.04 38.00 14.03
N ASP A 212 1.19 39.11 13.29
CA ASP A 212 0.96 39.05 11.84
C ASP A 212 2.07 38.49 10.95
N ASP A 213 3.32 38.61 11.39
CA ASP A 213 4.45 38.20 10.56
CA ASP A 213 4.45 38.20 10.56
C ASP A 213 4.89 36.81 11.00
N PHE A 214 4.02 35.83 10.78
CA PHE A 214 4.21 34.50 11.39
C PHE A 214 3.35 33.55 10.59
N GLY A 215 3.88 32.37 10.27
CA GLY A 215 3.13 31.40 9.47
C GLY A 215 2.14 30.59 10.31
N ILE A 216 0.94 30.39 9.75
CA ILE A 216 -0.04 29.44 10.33
C ILE A 216 -0.43 28.48 9.22
N MET A 217 0.10 27.25 9.32
CA MET A 217 -0.29 26.17 8.39
C MET A 217 -1.49 25.46 8.97
N VAL A 218 -2.36 24.94 8.11
CA VAL A 218 -3.48 24.14 8.63
C VAL A 218 -3.57 22.79 7.95
N ASP A 219 -3.99 21.77 8.72
CA ASP A 219 -4.01 20.40 8.21
C ASP A 219 -5.38 19.81 8.47
N TYR A 220 -6.08 19.40 7.42
CA TYR A 220 -7.41 18.80 7.55
C TYR A 220 -7.37 17.26 7.69
N ASN A 221 -6.20 16.66 7.51
CA ASN A 221 -6.06 15.17 7.67
C ASN A 221 -7.14 14.39 6.94
N GLN A 222 -7.34 14.76 5.67
CA GLN A 222 -8.22 14.01 4.76
C GLN A 222 -9.70 14.06 5.10
N SER A 223 -10.13 15.02 5.91
CA SER A 223 -11.41 14.91 6.58
C SER A 223 -12.61 15.48 5.81
N LEU A 224 -12.37 16.19 4.69
CA LEU A 224 -13.46 16.80 3.95
C LEU A 224 -13.72 16.21 2.58
N ASP A 225 -14.96 16.29 2.12
CA ASP A 225 -15.19 16.03 0.70
C ASP A 225 -14.81 17.26 -0.12
N VAL A 226 -14.79 17.12 -1.44
CA VAL A 226 -14.31 18.20 -2.31
C VAL A 226 -15.10 19.51 -2.15
N PRO A 227 -16.44 19.46 -2.22
CA PRO A 227 -17.16 20.73 -2.05
C PRO A 227 -16.94 21.35 -0.64
N ALA A 228 -16.94 20.54 0.43
CA ALA A 228 -16.67 21.12 1.75
C ALA A 228 -15.28 21.71 1.82
N ALA A 229 -14.31 21.06 1.17
CA ALA A 229 -12.96 21.58 1.18
C ALA A 229 -12.86 22.90 0.42
N ILE A 230 -13.63 23.05 -0.66
CA ILE A 230 -13.58 24.31 -1.39
C ILE A 230 -14.18 25.41 -0.50
N LYS A 231 -15.30 25.11 0.14
CA LYS A 231 -15.96 26.12 0.97
C LYS A 231 -15.06 26.51 2.16
N ARG A 232 -14.60 25.51 2.90
CA ARG A 232 -13.76 25.80 4.06
C ARG A 232 -12.45 26.47 3.69
N SER A 233 -11.85 26.00 2.60
CA SER A 233 -10.53 26.54 2.26
C SER A 233 -10.64 27.98 1.79
N GLN A 234 -11.73 28.31 1.09
CA GLN A 234 -11.86 29.71 0.65
C GLN A 234 -12.05 30.63 1.86
N ALA A 235 -12.73 30.13 2.90
CA ALA A 235 -12.84 30.91 4.14
C ALA A 235 -11.47 31.04 4.82
N LEU A 236 -10.74 29.95 4.88
CA LEU A 236 -9.41 30.03 5.53
C LEU A 236 -8.44 30.90 4.78
N GLN A 237 -8.58 30.91 3.44
CA GLN A 237 -7.67 31.72 2.65
C GLN A 237 -7.86 33.21 2.98
N GLN A 238 -9.07 33.59 3.34
CA GLN A 238 -9.32 34.99 3.73
C GLN A 238 -8.63 35.36 5.04
N GLU A 239 -8.34 34.36 5.84
CA GLU A 239 -7.49 34.55 7.06
C GLU A 239 -5.98 34.52 6.85
N GLY A 240 -5.49 34.22 5.65
CA GLY A 240 -4.09 34.34 5.44
C GLY A 240 -3.27 33.15 5.90
N VAL A 241 -3.89 31.98 5.93
CA VAL A 241 -3.12 30.79 6.30
C VAL A 241 -2.05 30.51 5.25
N THR A 242 -1.00 29.80 5.66
CA THR A 242 0.16 29.56 4.81
C THR A 242 -0.07 28.47 3.76
N TRP A 243 -0.76 27.40 4.18
CA TRP A 243 -1.16 26.36 3.25
C TRP A 243 -2.30 25.58 3.80
N ILE A 244 -2.97 24.82 2.92
CA ILE A 244 -4.07 23.93 3.35
C ILE A 244 -3.65 22.51 3.01
N GLU A 245 -3.42 21.70 4.04
CA GLU A 245 -2.86 20.36 3.85
C GLU A 245 -3.92 19.26 3.90
N GLU A 246 -3.76 18.31 2.95
CA GLU A 246 -4.64 17.14 2.78
C GLU A 246 -6.10 17.42 3.07
N PRO A 247 -6.71 18.29 2.27
CA PRO A 247 -8.11 18.61 2.53
C PRO A 247 -9.03 17.40 2.31
N THR A 248 -8.66 16.48 1.44
CA THR A 248 -9.57 15.32 1.17
C THR A 248 -8.80 14.00 1.17
N LEU A 249 -9.45 12.90 0.80
CA LEU A 249 -8.78 11.56 0.84
C LEU A 249 -7.45 11.62 0.10
N GLN A 250 -6.41 11.13 0.74
CA GLN A 250 -5.04 11.26 0.26
C GLN A 250 -4.84 10.75 -1.15
N HIS A 251 -5.53 9.66 -1.49
CA HIS A 251 -5.32 9.06 -2.79
C HIS A 251 -6.04 9.79 -3.91
N ASP A 252 -6.91 10.72 -3.55
CA ASP A 252 -7.74 11.36 -4.58
C ASP A 252 -6.99 12.57 -5.13
N TYR A 253 -6.07 12.29 -6.05
CA TYR A 253 -5.26 13.38 -6.60
C TYR A 253 -6.13 14.31 -7.47
N GLU A 254 -7.06 13.72 -8.21
CA GLU A 254 -7.96 14.55 -9.02
C GLU A 254 -8.82 15.48 -8.14
N GLY A 255 -9.29 14.96 -7.00
CA GLY A 255 -10.06 15.82 -6.07
C GLY A 255 -9.20 16.94 -5.50
N HIS A 256 -7.94 16.64 -5.17
CA HIS A 256 -7.05 17.70 -4.72
C HIS A 256 -6.86 18.72 -5.82
N GLN A 257 -6.69 18.29 -7.06
CA GLN A 257 -6.57 19.28 -8.16
C GLN A 257 -7.83 20.17 -8.23
N ARG A 258 -9.02 19.55 -8.08
CA ARG A 258 -10.27 20.35 -8.18
C ARG A 258 -10.31 21.36 -7.04
N ILE A 259 -9.86 20.96 -5.83
CA ILE A 259 -9.83 21.91 -4.72
C ILE A 259 -8.79 23.02 -5.01
N GLN A 260 -7.58 22.62 -5.43
CA GLN A 260 -6.55 23.63 -5.73
C GLN A 260 -7.02 24.61 -6.79
N SER A 261 -7.83 24.14 -7.73
CA SER A 261 -8.29 25.01 -8.83
C SER A 261 -9.13 26.18 -8.34
N LYS A 262 -9.67 26.07 -7.13
CA LYS A 262 -10.55 27.09 -6.57
C LYS A 262 -9.85 27.98 -5.54
N LEU A 263 -8.52 27.85 -5.45
CA LEU A 263 -7.80 28.52 -4.37
C LEU A 263 -6.58 29.28 -4.86
N ASN A 264 -6.29 30.39 -4.19
CA ASN A 264 -5.01 31.08 -4.32
C ASN A 264 -4.02 30.49 -3.34
N VAL A 265 -4.44 30.24 -2.11
CA VAL A 265 -3.52 29.57 -1.13
C VAL A 265 -3.10 28.21 -1.70
N PRO A 266 -1.87 27.78 -1.43
CA PRO A 266 -1.49 26.48 -1.97
C PRO A 266 -2.09 25.31 -1.15
N VAL A 267 -2.53 24.30 -1.88
CA VAL A 267 -2.79 22.95 -1.33
C VAL A 267 -1.45 22.22 -1.14
N GLN A 268 -1.30 21.64 0.04
CA GLN A 268 -0.09 20.91 0.45
C GLN A 268 -0.46 19.45 0.62
N MET A 269 0.35 18.53 0.13
CA MET A 269 0.08 17.10 0.38
C MET A 269 1.38 16.36 0.15
N GLY A 270 1.35 15.06 0.41
CA GLY A 270 2.48 14.24 0.02
C GLY A 270 2.91 13.30 1.14
N GLU A 271 2.46 13.53 2.37
CA GLU A 271 2.94 12.69 3.49
CA GLU A 271 2.92 12.70 3.51
C GLU A 271 2.51 11.25 3.32
N ASN A 272 1.49 11.06 2.48
CA ASN A 272 0.98 9.72 2.28
C ASN A 272 1.42 9.08 0.95
N TRP A 273 2.26 9.76 0.16
CA TRP A 273 2.80 9.14 -1.04
C TRP A 273 3.73 8.00 -0.72
N LEU A 274 3.37 6.82 -1.25
CA LEU A 274 4.24 5.65 -1.02
C LEU A 274 5.09 5.47 -2.25
N GLY A 275 6.30 6.01 -2.15
CA GLY A 275 7.26 6.02 -3.24
C GLY A 275 7.14 7.24 -4.16
N PRO A 276 8.21 7.56 -4.88
CA PRO A 276 8.16 8.71 -5.79
C PRO A 276 7.19 8.49 -6.93
N GLU A 277 6.86 7.22 -7.22
CA GLU A 277 5.89 6.94 -8.28
C GLU A 277 4.52 7.52 -7.95
N GLU A 278 4.15 7.56 -6.67
CA GLU A 278 2.83 8.14 -6.30
C GLU A 278 2.90 9.66 -6.36
N MET A 279 4.04 10.21 -5.95
CA MET A 279 4.28 11.67 -6.12
C MET A 279 4.15 12.04 -7.59
N PHE A 280 4.82 11.28 -8.46
CA PHE A 280 4.77 11.58 -9.89
C PHE A 280 3.32 11.64 -10.42
N LYS A 281 2.51 10.69 -9.99
CA LYS A 281 1.12 10.65 -10.47
C LYS A 281 0.36 11.89 -9.98
N ALA A 282 0.61 12.29 -8.75
CA ALA A 282 -0.12 13.43 -8.20
C ALA A 282 0.32 14.72 -8.90
N LEU A 283 1.63 14.87 -9.06
CA LEU A 283 2.11 16.12 -9.68
C LEU A 283 1.75 16.20 -11.15
N SER A 284 1.66 15.04 -11.83
CA SER A 284 1.34 15.01 -13.26
C SER A 284 -0.04 15.58 -13.50
N ILE A 285 -0.91 15.50 -12.50
CA ILE A 285 -2.28 16.01 -12.74
C ILE A 285 -2.60 17.30 -11.99
N GLY A 286 -1.56 17.88 -11.39
CA GLY A 286 -1.72 19.19 -10.72
C GLY A 286 -2.48 19.14 -9.42
N ALA A 287 -2.30 18.07 -8.65
CA ALA A 287 -2.97 17.90 -7.36
C ALA A 287 -2.69 19.03 -6.35
N CYS A 288 -1.51 19.64 -6.42
CA CYS A 288 -1.09 20.49 -5.29
C CYS A 288 -0.05 21.48 -5.76
N ARG A 289 0.14 22.57 -5.03
CA ARG A 289 1.22 23.50 -5.40
C ARG A 289 2.43 23.39 -4.44
N LEU A 290 2.27 22.59 -3.39
CA LEU A 290 3.36 22.34 -2.43
C LEU A 290 3.43 20.82 -2.24
N ALA A 291 4.61 20.31 -1.88
CA ALA A 291 4.74 18.90 -1.56
C ALA A 291 5.40 18.74 -0.18
N MET A 292 5.05 17.65 0.53
CA MET A 292 5.76 17.30 1.78
C MET A 292 5.87 15.80 1.94
N PRO A 293 6.85 15.22 1.24
CA PRO A 293 7.06 13.76 1.41
C PRO A 293 7.45 13.39 2.84
N ASP A 294 7.13 12.16 3.20
CA ASP A 294 7.48 11.58 4.51
C ASP A 294 8.73 10.71 4.23
N ALA A 295 9.83 10.90 4.98
CA ALA A 295 11.06 10.16 4.66
C ALA A 295 10.84 8.65 4.62
N MET A 296 9.96 8.13 5.47
CA MET A 296 9.64 6.69 5.46
C MET A 296 8.81 6.34 4.19
N LYS A 297 7.64 6.95 4.07
CA LYS A 297 6.74 6.48 2.98
C LYS A 297 7.28 6.72 1.58
N ILE A 298 8.08 7.79 1.39
CA ILE A 298 8.58 8.13 0.07
C ILE A 298 9.69 7.15 -0.38
N GLY A 299 10.15 6.33 0.56
CA GLY A 299 11.21 5.34 0.20
C GLY A 299 12.59 5.67 0.78
N GLY A 300 12.62 6.33 1.94
CA GLY A 300 13.90 6.62 2.63
C GLY A 300 14.70 7.70 1.94
N VAL A 301 16.01 7.70 2.13
CA VAL A 301 16.90 8.63 1.48
C VAL A 301 16.86 8.45 -0.04
N THR A 302 16.93 7.18 -0.52
CA THR A 302 16.92 6.88 -1.95
C THR A 302 15.65 7.45 -2.62
N GLY A 303 14.51 7.23 -1.97
CA GLY A 303 13.22 7.74 -2.47
C GLY A 303 13.14 9.26 -2.37
N TRP A 304 13.66 9.81 -1.28
CA TRP A 304 13.63 11.26 -1.08
C TRP A 304 14.40 11.96 -2.17
N ILE A 305 15.59 11.46 -2.48
CA ILE A 305 16.42 12.12 -3.54
C ILE A 305 15.69 12.09 -4.89
N ARG A 306 15.02 10.98 -5.19
CA ARG A 306 14.24 10.90 -6.43
C ARG A 306 13.07 11.89 -6.37
N ALA A 307 12.38 11.94 -5.24
CA ALA A 307 11.27 12.89 -5.05
C ALA A 307 11.75 14.33 -5.22
N SER A 308 12.97 14.61 -4.73
CA SER A 308 13.50 15.97 -4.83
CA SER A 308 13.49 15.99 -4.83
C SER A 308 13.68 16.37 -6.32
N ALA A 309 14.11 15.42 -7.13
CA ALA A 309 14.35 15.68 -8.56
C ALA A 309 13.03 15.96 -9.24
N LEU A 310 11.97 15.25 -8.83
CA LEU A 310 10.64 15.50 -9.40
C LEU A 310 10.11 16.88 -8.95
N ALA A 311 10.20 17.19 -7.66
CA ALA A 311 9.69 18.50 -7.17
C ALA A 311 10.42 19.61 -7.89
N GLN A 312 11.73 19.44 -8.13
CA GLN A 312 12.46 20.49 -8.85
C GLN A 312 11.86 20.73 -10.26
N GLN A 313 11.63 19.67 -11.03
CA GLN A 313 11.15 19.82 -12.40
C GLN A 313 9.72 20.32 -12.47
N PHE A 314 8.90 19.88 -11.52
CA PHE A 314 7.49 20.34 -11.51
C PHE A 314 7.34 21.69 -10.80
N GLY A 315 8.43 22.29 -10.32
CA GLY A 315 8.38 23.65 -9.70
C GLY A 315 7.58 23.63 -8.41
N ILE A 316 7.84 22.62 -7.55
CA ILE A 316 7.03 22.45 -6.33
C ILE A 316 7.97 22.60 -5.12
N PRO A 317 7.78 23.65 -4.29
CA PRO A 317 8.54 23.74 -3.05
C PRO A 317 8.27 22.51 -2.14
N MET A 318 9.33 21.92 -1.58
CA MET A 318 9.19 20.61 -0.94
C MET A 318 9.61 20.71 0.52
N SER A 319 8.70 20.28 1.38
CA SER A 319 8.89 20.28 2.85
C SER A 319 8.95 18.84 3.28
N SER A 320 9.18 18.66 4.58
CA SER A 320 9.20 17.29 5.11
C SER A 320 7.96 17.00 5.95
N HIS A 321 7.74 15.72 6.21
CA HIS A 321 6.72 15.23 7.13
C HIS A 321 7.38 14.31 8.12
N LEU A 322 7.32 14.71 9.39
CA LEU A 322 7.94 13.90 10.49
C LEU A 322 9.41 13.62 10.24
N PHE A 323 9.95 12.62 10.95
CA PHE A 323 11.37 12.26 10.75
C PHE A 323 12.30 13.47 10.75
N GLN A 324 12.19 14.32 11.78
CA GLN A 324 12.94 15.59 11.74
C GLN A 324 14.45 15.37 11.71
N GLU A 325 14.91 14.27 12.33
CA GLU A 325 16.35 14.05 12.39
C GLU A 325 16.99 13.87 11.03
N ILE A 326 16.43 13.02 10.20
CA ILE A 326 17.00 12.79 8.88
C ILE A 326 16.53 13.89 7.92
N SER A 327 15.37 14.46 8.19
CA SER A 327 14.83 15.46 7.21
C SER A 327 15.68 16.71 7.20
N ALA A 328 16.34 17.01 8.32
CA ALA A 328 17.25 18.19 8.31
C ALA A 328 18.39 18.00 7.28
N HIS A 329 18.95 16.78 7.22
CA HIS A 329 19.93 16.47 6.18
C HIS A 329 19.35 16.49 4.80
N LEU A 330 18.17 15.86 4.63
CA LEU A 330 17.63 15.66 3.29
C LEU A 330 17.21 17.01 2.70
N LEU A 331 16.64 17.86 3.54
CA LEU A 331 16.19 19.18 3.02
C LEU A 331 17.38 20.00 2.55
N ALA A 332 18.51 19.87 3.25
CA ALA A 332 19.71 20.58 2.83
C ALA A 332 20.23 20.19 1.43
N ALA A 333 19.89 18.98 0.95
CA ALA A 333 20.25 18.51 -0.37
C ALA A 333 19.10 18.67 -1.42
N THR A 334 18.01 19.32 -1.00
CA THR A 334 16.80 19.38 -1.83
C THR A 334 16.69 20.74 -2.56
N PRO A 335 16.73 20.77 -3.90
CA PRO A 335 16.81 22.06 -4.60
C PRO A 335 15.66 23.01 -4.28
N THR A 336 14.46 22.45 -4.04
CA THR A 336 13.30 23.29 -3.71
C THR A 336 12.90 23.27 -2.23
N ALA A 337 13.88 23.01 -1.36
CA ALA A 337 13.59 22.90 0.09
C ALA A 337 12.75 24.06 0.62
N HIS A 338 11.78 23.73 1.46
CA HIS A 338 10.83 24.72 1.92
C HIS A 338 10.81 24.74 3.42
N TRP A 339 10.00 23.91 4.05
CA TRP A 339 9.98 23.84 5.51
C TRP A 339 10.30 22.47 6.05
N LEU A 340 10.87 22.47 7.26
CA LEU A 340 11.01 21.23 8.06
C LEU A 340 9.88 21.18 9.08
N GLU A 341 9.14 20.06 9.13
CA GLU A 341 8.13 19.84 10.19
C GLU A 341 8.80 19.44 11.52
N ARG A 342 8.65 20.27 12.54
CA ARG A 342 9.11 19.86 13.87
C ARG A 342 7.92 19.21 14.58
N LEU A 343 7.96 17.89 14.66
CA LEU A 343 6.97 17.11 15.42
C LEU A 343 7.81 15.97 15.95
N ASP A 344 8.17 16.07 17.21
CA ASP A 344 9.27 15.27 17.75
C ASP A 344 8.78 13.94 18.29
N LEU A 345 8.34 13.06 17.41
CA LEU A 345 7.77 11.77 17.81
C LEU A 345 8.76 10.90 18.59
N ALA A 346 10.04 10.96 18.21
CA ALA A 346 11.03 10.02 18.81
C ALA A 346 11.93 10.64 19.88
N GLY A 347 11.60 11.86 20.32
CA GLY A 347 12.46 12.56 21.27
C GLY A 347 12.67 11.85 22.62
N SER A 348 11.69 11.05 23.02
CA SER A 348 11.82 10.31 24.27
CA SER A 348 11.81 10.30 24.27
C SER A 348 12.88 9.21 24.19
N VAL A 349 13.26 8.82 22.96
CA VAL A 349 14.18 7.68 22.75
C VAL A 349 15.43 8.01 21.90
N ILE A 350 15.54 9.26 21.42
CA ILE A 350 16.70 9.74 20.61
C ILE A 350 17.31 10.97 21.28
N GLU A 351 18.63 11.01 21.43
CA GLU A 351 19.29 12.20 22.06
C GLU A 351 19.01 13.46 21.20
N PRO A 352 18.87 14.63 21.86
CA PRO A 352 18.54 15.88 21.14
C PRO A 352 19.77 16.55 20.52
N THR A 353 20.39 15.85 19.59
CA THR A 353 21.54 16.39 18.88
C THR A 353 21.12 17.37 17.78
N LEU A 354 19.91 17.20 17.24
CA LEU A 354 19.32 18.26 16.37
C LEU A 354 18.87 19.44 17.21
N THR A 355 19.35 20.63 16.87
CA THR A 355 19.01 21.81 17.65
C THR A 355 18.29 22.80 16.77
N PHE A 356 17.72 23.81 17.41
CA PHE A 356 16.99 24.86 16.70
C PHE A 356 17.51 26.22 17.11
N GLU A 357 17.87 27.02 16.12
CA GLU A 357 18.40 28.37 16.35
C GLU A 357 17.58 29.31 15.52
N GLY A 358 16.91 30.24 16.19
CA GLY A 358 16.04 31.20 15.49
C GLY A 358 14.95 30.48 14.68
N GLY A 359 14.53 29.34 15.19
CA GLY A 359 13.50 28.51 14.50
C GLY A 359 14.01 27.67 13.34
N ASN A 360 15.33 27.64 13.11
CA ASN A 360 15.91 26.85 12.02
C ASN A 360 16.56 25.60 12.60
N ALA A 361 16.32 24.46 11.95
CA ALA A 361 16.93 23.20 12.39
C ALA A 361 18.39 23.24 12.01
N VAL A 362 19.27 22.81 12.93
CA VAL A 362 20.71 22.81 12.72
C VAL A 362 21.21 21.39 12.86
N ILE A 363 21.73 20.89 11.75
CA ILE A 363 22.26 19.53 11.63
C ILE A 363 23.44 19.35 12.62
N PRO A 364 23.49 18.26 13.39
CA PRO A 364 24.66 18.11 14.29
C PRO A 364 25.91 17.64 13.53
N ASP A 365 27.07 17.98 14.07
CA ASP A 365 28.34 17.55 13.48
C ASP A 365 28.61 16.14 14.00
N LEU A 366 27.88 15.19 13.44
CA LEU A 366 28.00 13.76 13.76
C LEU A 366 27.96 13.01 12.43
N PRO A 367 28.61 11.84 12.35
CA PRO A 367 28.53 11.08 11.12
C PRO A 367 27.13 10.50 10.88
N GLY A 368 26.82 10.27 9.61
CA GLY A 368 25.47 9.78 9.24
C GLY A 368 24.40 10.78 9.67
N VAL A 369 23.31 10.28 10.23
CA VAL A 369 22.15 11.13 10.53
C VAL A 369 22.28 11.86 11.87
N GLY A 370 23.05 11.30 12.81
CA GLY A 370 23.18 11.90 14.11
C GLY A 370 22.17 11.40 15.13
N ILE A 371 21.67 10.17 14.94
CA ILE A 371 20.74 9.54 15.88
C ILE A 371 21.57 8.71 16.88
N ILE A 372 21.40 9.03 18.13
CA ILE A 372 22.07 8.31 19.24
C ILE A 372 20.90 7.88 20.11
N TRP A 373 20.75 6.56 20.31
CA TRP A 373 19.66 6.11 21.15
C TRP A 373 19.78 6.45 22.62
N ARG A 374 18.66 6.70 23.26
CA ARG A 374 18.61 6.82 24.73
C ARG A 374 18.30 5.42 25.26
N GLU A 375 19.36 4.62 25.38
CA GLU A 375 19.21 3.19 25.70
C GLU A 375 18.48 2.95 27.02
N LYS A 376 18.77 3.78 28.03
CA LYS A 376 18.08 3.63 29.31
C LYS A 376 16.56 3.92 29.22
N GLU A 377 16.18 4.83 28.33
CA GLU A 377 14.79 5.19 28.15
C GLU A 377 13.98 4.17 27.34
N ILE A 378 14.61 3.58 26.33
CA ILE A 378 13.94 2.68 25.41
C ILE A 378 13.29 1.54 26.20
N GLY A 379 13.99 1.05 27.23
CA GLY A 379 13.43 -0.07 28.02
C GLY A 379 12.08 0.21 28.67
N LYS A 380 11.79 1.47 29.00
CA LYS A 380 10.52 1.85 29.58
C LYS A 380 9.34 1.63 28.63
N TYR A 381 9.61 1.69 27.31
CA TYR A 381 8.52 1.75 26.32
C TYR A 381 8.37 0.54 25.45
N LEU A 382 9.20 -0.46 25.62
CA LEU A 382 9.15 -1.64 24.82
C LEU A 382 7.82 -2.37 24.88
N VAL A 383 7.42 -2.91 23.76
CA VAL A 383 6.18 -3.62 23.55
C VAL A 383 6.56 -5.03 23.11
N GLU B 27 -28.70 -6.51 15.22
CA GLU B 27 -29.13 -7.93 15.41
C GLU B 27 -27.94 -8.91 15.34
N VAL B 28 -27.35 -9.17 14.17
CA VAL B 28 -26.18 -10.08 14.14
C VAL B 28 -24.85 -9.34 14.32
N LEU B 29 -24.09 -9.76 15.33
CA LEU B 29 -22.82 -9.12 15.66
C LEU B 29 -21.67 -10.05 15.37
N ILE B 30 -20.50 -9.48 15.10
CA ILE B 30 -19.25 -10.26 15.07
C ILE B 30 -18.80 -10.54 16.50
N THR B 31 -18.40 -11.79 16.79
CA THR B 31 -18.05 -12.16 18.16
C THR B 31 -16.60 -12.57 18.29
N GLY B 32 -15.93 -12.82 17.17
CA GLY B 32 -14.52 -13.22 17.25
C GLY B 32 -13.87 -13.43 15.91
N LEU B 33 -12.54 -13.42 15.92
CA LEU B 33 -11.77 -13.60 14.72
C LEU B 33 -10.63 -14.57 15.02
N ARG B 34 -10.50 -15.61 14.19
CA ARG B 34 -9.38 -16.51 14.31
C ARG B 34 -8.64 -16.58 12.98
N THR B 35 -7.31 -16.54 13.04
CA THR B 35 -6.52 -16.68 11.82
C THR B 35 -5.52 -17.80 12.01
N ARG B 36 -5.24 -18.48 10.91
CA ARG B 36 -4.23 -19.54 10.85
C ARG B 36 -3.35 -19.34 9.61
N ALA B 37 -2.04 -19.24 9.85
CA ALA B 37 -1.06 -19.07 8.76
C ALA B 37 -0.51 -20.41 8.33
N VAL B 38 -0.62 -20.69 7.04
CA VAL B 38 -0.15 -21.97 6.45
C VAL B 38 0.75 -21.72 5.23
N ASN B 39 1.62 -22.65 4.95
CA ASN B 39 2.37 -22.65 3.74
C ASN B 39 2.00 -23.95 3.08
N VAL B 40 1.23 -23.93 2.01
CA VAL B 40 0.56 -25.13 1.44
C VAL B 40 1.14 -25.61 0.12
N PRO B 41 1.09 -26.94 -0.14
CA PRO B 41 1.63 -27.46 -1.39
C PRO B 41 0.69 -27.21 -2.56
N LEU B 42 1.31 -26.95 -3.70
CA LEU B 42 0.69 -26.79 -5.00
C LEU B 42 1.15 -27.97 -5.90
N ALA B 43 0.33 -28.43 -6.80
CA ALA B 43 0.85 -29.47 -7.70
C ALA B 43 2.06 -28.97 -8.49
N TYR B 44 1.95 -27.79 -9.04
CA TYR B 44 3.07 -27.21 -9.78
C TYR B 44 3.48 -25.87 -9.17
N PRO B 45 4.77 -25.71 -8.91
CA PRO B 45 5.29 -24.41 -8.46
C PRO B 45 5.04 -23.35 -9.51
N VAL B 46 4.65 -22.15 -9.10
CA VAL B 46 4.35 -21.11 -10.08
C VAL B 46 5.62 -20.34 -10.44
N HIS B 47 6.24 -20.74 -11.53
CA HIS B 47 7.37 -20.06 -12.05
C HIS B 47 6.97 -18.82 -12.80
N THR B 48 7.59 -17.70 -12.48
CA THR B 48 7.36 -16.46 -13.25
C THR B 48 8.70 -15.89 -13.72
N ALA B 49 8.63 -14.95 -14.66
CA ALA B 49 9.82 -14.23 -15.14
C ALA B 49 10.57 -13.45 -14.04
N VAL B 50 9.89 -13.14 -12.95
CA VAL B 50 10.51 -12.37 -11.88
C VAL B 50 10.71 -13.18 -10.60
N GLY B 51 10.58 -14.50 -10.70
CA GLY B 51 10.76 -15.38 -9.55
C GLY B 51 9.71 -16.48 -9.44
N THR B 52 9.92 -17.40 -8.50
CA THR B 52 9.06 -18.58 -8.35
C THR B 52 8.27 -18.51 -7.03
N VAL B 53 6.97 -18.80 -7.11
CA VAL B 53 6.10 -19.06 -5.96
C VAL B 53 6.00 -20.59 -5.82
N GLY B 54 6.85 -21.17 -4.96
CA GLY B 54 7.02 -22.61 -4.89
C GLY B 54 5.95 -23.34 -4.09
N THR B 55 5.50 -22.72 -3.00
CA THR B 55 4.31 -23.16 -2.26
C THR B 55 3.46 -21.94 -1.99
N ALA B 56 2.27 -22.13 -1.42
CA ALA B 56 1.36 -20.98 -1.26
C ALA B 56 1.26 -20.53 0.19
N PRO B 57 1.75 -19.30 0.52
CA PRO B 57 1.55 -18.85 1.88
C PRO B 57 0.18 -18.20 2.02
N LEU B 58 -0.68 -18.76 2.90
CA LEU B 58 -2.09 -18.33 3.07
C LEU B 58 -2.39 -18.00 4.50
N VAL B 59 -3.28 -17.03 4.71
CA VAL B 59 -3.88 -16.86 6.03
C VAL B 59 -5.35 -17.28 5.94
N LEU B 60 -5.72 -18.27 6.75
CA LEU B 60 -7.11 -18.73 6.75
C LEU B 60 -7.86 -18.04 7.86
N ILE B 61 -9.00 -17.48 7.51
CA ILE B 61 -9.75 -16.64 8.42
C ILE B 61 -11.10 -17.21 8.82
N ASP B 62 -11.37 -17.22 10.12
CA ASP B 62 -12.70 -17.60 10.63
C ASP B 62 -13.29 -16.42 11.36
N LEU B 63 -14.51 -16.06 10.97
CA LEU B 63 -15.18 -14.93 11.60
C LEU B 63 -16.43 -15.40 12.34
N ALA B 64 -16.36 -15.43 13.66
CA ALA B 64 -17.50 -15.90 14.50
C ALA B 64 -18.57 -14.83 14.61
N THR B 65 -19.83 -15.25 14.67
CA THR B 65 -20.94 -14.30 14.82
C THR B 65 -21.90 -14.71 15.93
N SER B 66 -22.74 -13.78 16.37
CA SER B 66 -23.73 -14.03 17.44
C SER B 66 -24.87 -14.93 16.96
N ALA B 67 -24.94 -15.17 15.64
CA ALA B 67 -25.96 -16.05 15.06
C ALA B 67 -25.55 -17.52 15.04
N GLY B 68 -24.32 -17.82 15.45
CA GLY B 68 -23.82 -19.19 15.44
C GLY B 68 -23.09 -19.61 14.17
N VAL B 69 -23.26 -18.86 13.06
CA VAL B 69 -22.56 -19.18 11.84
C VAL B 69 -21.14 -18.59 11.91
N VAL B 70 -20.25 -19.20 11.14
CA VAL B 70 -18.84 -18.77 11.07
C VAL B 70 -18.51 -18.48 9.62
N GLY B 71 -18.09 -17.23 9.36
CA GLY B 71 -17.64 -16.88 8.02
C GLY B 71 -16.22 -17.34 7.77
N HIS B 72 -15.93 -17.80 6.56
CA HIS B 72 -14.63 -18.27 6.12
C HIS B 72 -14.11 -17.50 4.94
N SER B 73 -12.83 -17.17 4.95
CA SER B 73 -12.16 -16.62 3.78
C SER B 73 -10.68 -16.94 3.93
N TYR B 74 -9.89 -16.53 2.95
CA TYR B 74 -8.45 -16.63 3.13
C TYR B 74 -7.75 -15.54 2.34
N LEU B 75 -6.50 -15.33 2.70
CA LEU B 75 -5.64 -14.38 2.01
C LEU B 75 -4.44 -15.08 1.45
N PHE B 76 -3.92 -14.55 0.34
CA PHE B 76 -2.66 -15.02 -0.22
C PHE B 76 -1.59 -13.99 0.11
N ALA B 77 -0.49 -14.43 0.74
CA ALA B 77 0.58 -13.51 1.14
C ALA B 77 1.72 -13.35 0.13
N TYR B 78 1.66 -14.10 -0.99
CA TYR B 78 2.62 -14.05 -2.11
C TYR B 78 3.98 -14.63 -1.80
N THR B 79 4.54 -14.16 -0.70
CA THR B 79 5.83 -14.63 -0.22
C THR B 79 5.76 -14.97 1.24
N PRO B 80 6.42 -16.04 1.67
CA PRO B 80 6.40 -16.31 3.09
C PRO B 80 6.93 -15.18 3.93
N VAL B 81 7.71 -14.28 3.33
CA VAL B 81 8.26 -13.14 4.06
C VAL B 81 7.16 -12.23 4.67
N ALA B 82 6.01 -12.18 4.03
CA ALA B 82 4.86 -11.36 4.51
C ALA B 82 3.83 -12.11 5.35
N LEU B 83 4.01 -13.43 5.47
CA LEU B 83 2.99 -14.26 6.05
C LEU B 83 2.73 -14.00 7.52
N LYS B 84 3.77 -14.01 8.37
CA LYS B 84 3.53 -13.80 9.80
C LYS B 84 3.06 -12.38 10.10
N SER B 85 3.57 -11.43 9.31
CA SER B 85 3.13 -10.03 9.43
C SER B 85 1.63 -9.89 9.14
N LEU B 86 1.16 -10.55 8.09
CA LEU B 86 -0.26 -10.45 7.73
C LEU B 86 -1.14 -11.07 8.82
N LYS B 87 -0.75 -12.25 9.32
CA LYS B 87 -1.51 -12.82 10.42
C LYS B 87 -1.53 -11.94 11.68
N GLN B 88 -0.36 -11.36 12.01
CA GLN B 88 -0.25 -10.52 13.21
C GLN B 88 -1.17 -9.31 13.08
N LEU B 89 -1.20 -8.73 11.87
CA LEU B 89 -2.03 -7.55 11.63
C LEU B 89 -3.51 -7.91 11.84
N LEU B 90 -3.96 -9.01 11.24
CA LEU B 90 -5.36 -9.45 11.43
C LEU B 90 -5.70 -9.70 12.86
N ASP B 91 -4.78 -10.36 13.58
CA ASP B 91 -5.03 -10.61 14.99
C ASP B 91 -5.18 -9.32 15.78
N ASP B 92 -4.39 -8.31 15.43
CA ASP B 92 -4.46 -7.04 16.13
C ASP B 92 -5.67 -6.23 15.71
N MET B 93 -6.25 -6.58 14.57
CA MET B 93 -7.48 -5.93 14.10
C MET B 93 -8.72 -6.54 14.75
N ALA B 94 -8.58 -7.67 15.45
CA ALA B 94 -9.76 -8.33 16.04
C ALA B 94 -10.57 -7.40 16.93
N ALA B 95 -9.88 -6.60 17.74
CA ALA B 95 -10.55 -5.74 18.71
C ALA B 95 -11.34 -4.62 18.03
N MET B 96 -10.98 -4.25 16.80
CA MET B 96 -11.70 -3.25 15.99
CA MET B 96 -11.80 -3.22 16.19
C MET B 96 -13.05 -3.76 15.51
N ILE B 97 -13.14 -5.06 15.27
CA ILE B 97 -14.36 -5.58 14.60
C ILE B 97 -15.28 -6.38 15.54
N VAL B 98 -14.73 -6.87 16.65
CA VAL B 98 -15.57 -7.61 17.62
C VAL B 98 -16.63 -6.69 18.23
N ASN B 99 -17.87 -7.19 18.27
CA ASN B 99 -19.05 -6.43 18.73
CA ASN B 99 -19.09 -6.48 18.70
C ASN B 99 -19.66 -5.49 17.69
N GLU B 100 -19.02 -5.37 16.53
CA GLU B 100 -19.60 -4.60 15.43
C GLU B 100 -20.65 -5.45 14.75
N PRO B 101 -21.70 -4.80 14.18
CA PRO B 101 -22.68 -5.55 13.39
C PRO B 101 -22.04 -6.23 12.18
N LEU B 102 -22.61 -7.36 11.80
CA LEU B 102 -22.21 -8.09 10.60
C LEU B 102 -22.82 -7.41 9.36
N ALA B 103 -22.23 -6.27 9.05
CA ALA B 103 -22.66 -5.45 7.91
C ALA B 103 -21.39 -5.06 7.15
N PRO B 104 -21.01 -5.83 6.12
CA PRO B 104 -19.69 -5.70 5.51
C PRO B 104 -19.46 -4.31 4.91
N VAL B 105 -20.49 -3.71 4.35
CA VAL B 105 -20.29 -2.39 3.74
C VAL B 105 -19.93 -1.36 4.82
N SER B 106 -20.64 -1.42 5.95
CA SER B 106 -20.37 -0.50 7.05
C SER B 106 -19.05 -0.80 7.70
N LEU B 107 -18.70 -2.09 7.84
CA LEU B 107 -17.40 -2.48 8.38
CA LEU B 107 -17.41 -2.48 8.40
C LEU B 107 -16.25 -1.95 7.55
N GLU B 108 -16.40 -2.04 6.22
CA GLU B 108 -15.37 -1.57 5.29
C GLU B 108 -15.15 -0.08 5.45
N ALA B 109 -16.24 0.67 5.60
CA ALA B 109 -16.11 2.14 5.80
C ALA B 109 -15.37 2.46 7.09
N MET B 110 -15.69 1.68 8.13
CA MET B 110 -15.03 1.86 9.44
CA MET B 110 -15.03 1.85 9.44
C MET B 110 -13.54 1.59 9.34
N LEU B 111 -13.16 0.50 8.65
CA LEU B 111 -11.75 0.15 8.54
C LEU B 111 -11.02 1.20 7.67
N ALA B 112 -11.66 1.65 6.59
CA ALA B 112 -11.06 2.70 5.75
C ALA B 112 -10.73 3.93 6.61
N LYS B 113 -11.64 4.29 7.51
CA LYS B 113 -11.42 5.48 8.37
C LYS B 113 -10.34 5.21 9.41
N ARG B 114 -10.37 4.04 10.05
CA ARG B 114 -9.38 3.74 11.09
CA ARG B 114 -9.37 3.68 11.09
C ARG B 114 -7.95 3.69 10.54
N PHE B 115 -7.79 3.33 9.28
CA PHE B 115 -6.46 3.22 8.65
C PHE B 115 -6.13 4.34 7.70
N CYS B 116 -6.90 5.42 7.75
CA CYS B 116 -6.75 6.62 6.90
CA CYS B 116 -6.66 6.48 6.76
C CYS B 116 -5.31 7.18 6.98
N LEU B 117 -4.79 7.22 8.20
CA LEU B 117 -3.42 7.76 8.41
C LEU B 117 -2.28 6.78 8.09
N ALA B 118 -2.43 5.52 8.49
CA ALA B 118 -1.42 4.52 8.29
C ALA B 118 -1.25 4.24 6.79
N GLY B 119 -2.36 4.35 6.05
CA GLY B 119 -2.33 4.10 4.62
C GLY B 119 -3.21 2.88 4.34
N TYR B 120 -4.40 3.11 3.81
CA TYR B 120 -5.32 1.98 3.58
C TYR B 120 -5.01 1.29 2.26
N THR B 121 -3.86 0.60 2.21
CA THR B 121 -3.40 -0.02 0.97
C THR B 121 -2.49 -1.17 1.41
N GLY B 122 -1.94 -1.89 0.43
CA GLY B 122 -0.94 -2.97 0.73
C GLY B 122 -1.51 -3.96 1.73
N LEU B 123 -0.65 -4.40 2.66
CA LEU B 123 -1.07 -5.46 3.61
C LEU B 123 -2.30 -5.08 4.43
N ILE B 124 -2.43 -3.81 4.85
CA ILE B 124 -3.57 -3.37 5.64
C ILE B 124 -4.84 -3.57 4.82
N ARG B 125 -4.82 -3.15 3.55
CA ARG B 125 -6.01 -3.26 2.73
C ARG B 125 -6.34 -4.75 2.45
N MET B 126 -5.29 -5.56 2.27
CA MET B 126 -5.51 -7.00 2.09
C MET B 126 -6.17 -7.64 3.32
N ALA B 127 -5.69 -7.27 4.51
CA ALA B 127 -6.31 -7.73 5.77
C ALA B 127 -7.77 -7.31 5.83
N ALA B 128 -8.06 -6.03 5.48
CA ALA B 128 -9.48 -5.61 5.51
C ALA B 128 -10.30 -6.41 4.53
N ALA B 129 -9.72 -6.75 3.39
CA ALA B 129 -10.46 -7.53 2.38
C ALA B 129 -10.75 -8.94 2.87
N GLY B 130 -9.82 -9.50 3.63
CA GLY B 130 -10.07 -10.88 4.18
C GLY B 130 -11.23 -10.85 5.16
N ILE B 131 -11.30 -9.82 6.01
CA ILE B 131 -12.44 -9.59 6.89
CA ILE B 131 -12.44 -9.63 6.89
C ILE B 131 -13.71 -9.46 6.04
N ASP B 132 -13.66 -8.63 5.00
CA ASP B 132 -14.86 -8.43 4.16
C ASP B 132 -15.35 -9.76 3.58
N MET B 133 -14.44 -10.56 3.05
CA MET B 133 -14.86 -11.78 2.36
C MET B 133 -15.48 -12.77 3.37
N ALA B 134 -14.87 -12.83 4.55
CA ALA B 134 -15.44 -13.70 5.63
C ALA B 134 -16.82 -13.17 6.10
N ALA B 135 -16.99 -11.84 6.17
CA ALA B 135 -18.23 -11.24 6.64
C ALA B 135 -19.36 -11.50 5.64
N TRP B 136 -19.06 -11.39 4.36
CA TRP B 136 -20.06 -11.70 3.36
C TRP B 136 -20.41 -13.21 3.36
N ASP B 137 -19.41 -14.06 3.54
CA ASP B 137 -19.68 -15.51 3.64
C ASP B 137 -20.65 -15.75 4.80
N ALA B 138 -20.34 -15.14 5.95
CA ALA B 138 -21.22 -15.23 7.12
C ALA B 138 -22.60 -14.68 6.84
N LEU B 139 -22.70 -13.55 6.14
CA LEU B 139 -24.03 -12.98 5.86
C LEU B 139 -24.86 -13.94 4.99
N GLY B 140 -24.21 -14.57 4.01
CA GLY B 140 -24.84 -15.62 3.19
C GLY B 140 -25.36 -16.77 4.07
N LYS B 141 -24.54 -17.20 5.03
CA LYS B 141 -24.94 -18.25 5.99
C LYS B 141 -26.10 -17.80 6.90
N VAL B 142 -26.11 -16.55 7.35
CA VAL B 142 -27.19 -16.02 8.19
C VAL B 142 -28.50 -16.16 7.44
N HIS B 143 -28.46 -15.90 6.14
CA HIS B 143 -29.64 -15.99 5.26
C HIS B 143 -29.83 -17.30 4.52
N GLU B 144 -29.02 -18.30 4.86
CA GLU B 144 -29.02 -19.63 4.24
C GLU B 144 -29.10 -19.58 2.72
N THR B 145 -28.23 -18.77 2.11
CA THR B 145 -28.32 -18.53 0.68
C THR B 145 -26.90 -18.39 0.11
N PRO B 146 -26.64 -18.91 -1.10
CA PRO B 146 -25.33 -18.73 -1.72
C PRO B 146 -25.08 -17.23 -1.94
N LEU B 147 -23.80 -16.85 -1.88
CA LEU B 147 -23.45 -15.42 -1.96
C LEU B 147 -23.98 -14.79 -3.25
N VAL B 148 -23.89 -15.51 -4.36
CA VAL B 148 -24.38 -14.98 -5.64
C VAL B 148 -25.85 -14.53 -5.53
N LYS B 149 -26.69 -15.32 -4.84
CA LYS B 149 -28.12 -14.95 -4.70
C LYS B 149 -28.33 -13.79 -3.75
N LEU B 150 -27.48 -13.70 -2.73
CA LEU B 150 -27.53 -12.59 -1.77
C LEU B 150 -27.23 -11.27 -2.49
N LEU B 151 -26.35 -11.35 -3.49
CA LEU B 151 -25.98 -10.20 -4.32
C LEU B 151 -27.05 -9.83 -5.36
N GLY B 152 -28.09 -10.64 -5.45
CA GLY B 152 -29.19 -10.36 -6.38
C GLY B 152 -29.10 -11.00 -7.76
N ALA B 153 -28.18 -11.94 -7.97
CA ALA B 153 -27.97 -12.56 -9.28
C ALA B 153 -28.33 -14.04 -9.25
N ASN B 154 -28.58 -14.63 -10.41
CA ASN B 154 -28.66 -16.12 -10.51
C ASN B 154 -27.29 -16.75 -10.63
N ALA B 155 -27.12 -17.93 -10.05
CA ALA B 155 -25.91 -18.70 -10.34
C ALA B 155 -25.90 -19.00 -11.84
N ARG B 156 -24.74 -18.96 -12.45
CA ARG B 156 -24.58 -19.37 -13.85
C ARG B 156 -23.18 -19.94 -13.96
N PRO B 157 -22.97 -20.94 -14.83
CA PRO B 157 -21.60 -21.43 -15.05
C PRO B 157 -20.76 -20.33 -15.71
N VAL B 158 -19.49 -20.24 -15.34
CA VAL B 158 -18.60 -19.20 -15.87
CA VAL B 158 -18.62 -19.20 -15.93
C VAL B 158 -17.36 -19.84 -16.52
N GLN B 159 -17.09 -19.50 -17.77
CA GLN B 159 -15.96 -20.06 -18.47
C GLN B 159 -14.69 -19.81 -17.68
N ALA B 160 -13.86 -20.84 -17.56
CA ALA B 160 -12.60 -20.73 -16.83
C ALA B 160 -11.42 -21.11 -17.71
N TYR B 161 -10.28 -20.46 -17.50
CA TYR B 161 -9.06 -20.90 -18.13
C TYR B 161 -8.12 -21.52 -17.11
N ASP B 162 -7.34 -22.51 -17.56
CA ASP B 162 -6.44 -23.18 -16.62
C ASP B 162 -5.13 -22.43 -16.62
N SER B 163 -4.72 -22.03 -15.44
CA SER B 163 -3.60 -21.11 -15.29
C SER B 163 -2.30 -21.83 -14.95
N HIS B 164 -1.33 -21.73 -15.84
CA HIS B 164 -0.08 -22.45 -15.72
C HIS B 164 1.08 -21.52 -15.40
N SER B 165 2.32 -21.89 -15.70
CA SER B 165 3.45 -21.07 -15.32
C SER B 165 4.61 -20.99 -16.32
N LEU B 166 5.78 -20.52 -15.91
CA LEU B 166 6.94 -20.35 -16.82
C LEU B 166 7.58 -21.73 -16.92
N ASP B 167 6.97 -22.57 -17.72
CA ASP B 167 7.14 -24.03 -17.56
C ASP B 167 8.15 -24.65 -18.51
N GLY B 168 8.61 -23.87 -19.49
CA GLY B 168 9.39 -24.39 -20.63
C GLY B 168 8.50 -25.11 -21.65
N VAL B 169 9.03 -25.35 -22.85
CA VAL B 169 8.23 -25.90 -23.95
C VAL B 169 7.55 -27.24 -23.61
N LYS B 170 8.32 -28.18 -23.09
CA LYS B 170 7.79 -29.52 -22.85
C LYS B 170 6.64 -29.53 -21.85
N LEU B 171 6.89 -28.97 -20.67
CA LEU B 171 5.87 -28.99 -19.63
C LEU B 171 4.66 -28.09 -19.98
N ALA B 172 4.91 -26.90 -20.56
CA ALA B 172 3.79 -26.03 -20.98
C ALA B 172 2.83 -26.77 -21.92
N THR B 173 3.41 -27.51 -22.88
CA THR B 173 2.62 -28.16 -23.90
C THR B 173 1.83 -29.33 -23.28
N GLU B 174 2.49 -30.11 -22.42
CA GLU B 174 1.84 -31.21 -21.68
C GLU B 174 0.67 -30.70 -20.86
N ARG B 175 0.90 -29.63 -20.11
CA ARG B 175 -0.14 -29.07 -19.26
C ARG B 175 -1.30 -28.55 -20.09
N ALA B 176 -1.02 -27.96 -21.26
CA ALA B 176 -2.08 -27.44 -22.09
C ALA B 176 -2.95 -28.61 -22.61
N VAL B 177 -2.30 -29.70 -23.02
CA VAL B 177 -3.07 -30.89 -23.52
C VAL B 177 -3.98 -31.46 -22.45
N THR B 178 -3.47 -31.59 -21.22
CA THR B 178 -4.21 -32.06 -20.06
C THR B 178 -5.42 -31.18 -19.79
N ALA B 179 -5.19 -29.87 -19.81
CA ALA B 179 -6.30 -28.94 -19.63
C ALA B 179 -7.35 -29.09 -20.71
N ALA B 180 -6.93 -29.25 -21.96
CA ALA B 180 -7.90 -29.40 -23.05
C ALA B 180 -8.71 -30.71 -22.84
N GLU B 181 -8.01 -31.76 -22.43
CA GLU B 181 -8.69 -33.04 -22.14
C GLU B 181 -9.72 -32.97 -21.03
N LEU B 182 -9.48 -32.10 -20.03
CA LEU B 182 -10.42 -31.87 -18.94
C LEU B 182 -11.58 -30.93 -19.32
N GLY B 183 -11.52 -30.37 -20.52
CA GLY B 183 -12.65 -29.62 -21.08
C GLY B 183 -12.45 -28.10 -20.99
N PHE B 184 -11.30 -27.66 -20.48
CA PHE B 184 -11.00 -26.20 -20.52
C PHE B 184 -10.83 -25.77 -21.96
N ARG B 185 -11.29 -24.56 -22.26
CA ARG B 185 -11.21 -24.02 -23.62
C ARG B 185 -10.14 -22.95 -23.78
N ALA B 186 -9.39 -22.69 -22.71
CA ALA B 186 -8.24 -21.78 -22.77
C ALA B 186 -7.25 -22.13 -21.66
N VAL B 187 -5.99 -21.78 -21.86
CA VAL B 187 -4.97 -21.87 -20.81
C VAL B 187 -4.20 -20.54 -20.78
N LYS B 188 -3.57 -20.27 -19.65
CA LYS B 188 -2.62 -19.16 -19.55
C LYS B 188 -1.23 -19.70 -19.23
N THR B 189 -0.24 -19.21 -19.97
CA THR B 189 1.13 -19.55 -19.69
C THR B 189 1.88 -18.27 -19.31
N LYS B 190 2.88 -18.42 -18.45
CA LYS B 190 3.72 -17.29 -18.06
C LYS B 190 4.94 -17.24 -18.94
N ILE B 191 5.22 -16.06 -19.49
CA ILE B 191 6.38 -15.91 -20.40
C ILE B 191 7.30 -14.79 -19.92
N GLY B 192 8.27 -14.42 -20.74
CA GLY B 192 9.32 -13.51 -20.25
C GLY B 192 10.61 -14.30 -20.04
N TYR B 193 10.82 -15.27 -20.92
CA TYR B 193 12.12 -15.95 -21.01
C TYR B 193 13.19 -14.97 -21.43
N PRO B 194 14.48 -15.34 -21.24
CA PRO B 194 15.51 -14.39 -21.62
C PRO B 194 15.44 -13.90 -23.09
N ALA B 195 15.00 -14.73 -24.03
CA ALA B 195 14.87 -14.28 -25.41
C ALA B 195 13.42 -14.39 -25.87
N LEU B 196 13.01 -13.42 -26.69
CA LEU B 196 11.70 -13.44 -27.34
C LEU B 196 11.45 -14.76 -28.08
N ASP B 197 12.48 -15.28 -28.76
CA ASP B 197 12.29 -16.56 -29.48
C ASP B 197 11.84 -17.71 -28.57
N GLN B 198 12.25 -17.68 -27.30
CA GLN B 198 11.81 -18.67 -26.32
C GLN B 198 10.32 -18.46 -25.96
N ASP B 199 9.87 -17.21 -25.80
CA ASP B 199 8.42 -16.97 -25.63
C ASP B 199 7.59 -17.56 -26.77
N LEU B 200 8.06 -17.30 -28.00
CA LEU B 200 7.37 -17.68 -29.21
C LEU B 200 7.37 -19.19 -29.37
N ALA B 201 8.48 -19.83 -29.02
CA ALA B 201 8.58 -21.31 -29.09
C ALA B 201 7.55 -21.99 -28.19
N VAL B 202 7.39 -21.47 -26.97
CA VAL B 202 6.38 -22.00 -26.05
C VAL B 202 4.96 -21.84 -26.60
N VAL B 203 4.58 -20.61 -26.98
CA VAL B 203 3.26 -20.36 -27.52
C VAL B 203 2.95 -21.22 -28.76
N ARG B 204 3.92 -21.32 -29.66
CA ARG B 204 3.75 -22.11 -30.90
C ARG B 204 3.52 -23.58 -30.59
N SER B 205 4.29 -24.11 -29.65
CA SER B 205 4.16 -25.52 -29.24
C SER B 205 2.78 -25.80 -28.62
N ILE B 206 2.30 -24.89 -27.77
CA ILE B 206 0.96 -25.04 -27.24
C ILE B 206 -0.07 -25.02 -28.36
N ARG B 207 0.06 -24.07 -29.28
CA ARG B 207 -0.92 -23.88 -30.35
C ARG B 207 -1.01 -25.15 -31.22
N GLN B 208 0.15 -25.78 -31.45
CA GLN B 208 0.19 -26.98 -32.31
C GLN B 208 -0.56 -28.11 -31.62
N ALA B 209 -0.42 -28.19 -30.30
CA ALA B 209 -1.03 -29.25 -29.50
C ALA B 209 -2.52 -29.09 -29.20
N VAL B 210 -3.02 -27.85 -29.17
CA VAL B 210 -4.42 -27.58 -28.78
C VAL B 210 -5.29 -27.14 -29.96
N GLY B 211 -4.65 -26.75 -31.06
CA GLY B 211 -5.37 -26.33 -32.25
C GLY B 211 -5.75 -24.87 -32.23
N ASP B 212 -6.36 -24.42 -33.33
CA ASP B 212 -6.68 -23.02 -33.55
C ASP B 212 -7.89 -22.51 -32.75
N ASP B 213 -8.79 -23.39 -32.33
CA ASP B 213 -10.00 -23.00 -31.61
C ASP B 213 -9.83 -23.17 -30.12
N PHE B 214 -8.92 -22.42 -29.57
CA PHE B 214 -8.53 -22.58 -28.17
C PHE B 214 -7.87 -21.28 -27.72
N GLY B 215 -8.15 -20.85 -26.48
CA GLY B 215 -7.51 -19.60 -25.98
C GLY B 215 -6.14 -19.86 -25.41
N ILE B 216 -5.17 -19.04 -25.80
CA ILE B 216 -3.88 -19.02 -25.13
C ILE B 216 -3.62 -17.59 -24.63
N MET B 217 -3.77 -17.42 -23.32
CA MET B 217 -3.44 -16.12 -22.69
C MET B 217 -1.96 -16.16 -22.30
N VAL B 218 -1.27 -15.01 -22.29
CA VAL B 218 0.12 -15.00 -21.86
C VAL B 218 0.34 -13.92 -20.80
N ASP B 219 1.22 -14.20 -19.84
CA ASP B 219 1.45 -13.32 -18.71
C ASP B 219 2.93 -13.03 -18.61
N TYR B 220 3.31 -11.75 -18.63
CA TYR B 220 4.70 -11.33 -18.53
C TYR B 220 5.11 -11.01 -17.09
N ASN B 221 4.16 -10.97 -16.16
CA ASN B 221 4.45 -10.71 -14.73
C ASN B 221 5.38 -9.52 -14.51
N GLN B 222 5.07 -8.41 -15.19
CA GLN B 222 5.74 -7.11 -15.00
C GLN B 222 7.19 -7.12 -15.45
N SER B 223 7.59 -8.06 -16.31
CA SER B 223 9.02 -8.29 -16.50
C SER B 223 9.71 -7.44 -17.56
N LEU B 224 8.97 -6.66 -18.35
CA LEU B 224 9.53 -5.94 -19.48
C LEU B 224 9.44 -4.42 -19.28
N ASP B 225 10.42 -3.70 -19.82
CA ASP B 225 10.29 -2.24 -19.96
C ASP B 225 9.38 -1.94 -21.14
N VAL B 226 8.96 -0.68 -21.28
CA VAL B 226 7.96 -0.39 -22.31
C VAL B 226 8.39 -0.69 -23.77
N PRO B 227 9.62 -0.32 -24.17
CA PRO B 227 10.00 -0.68 -25.54
C PRO B 227 10.10 -2.18 -25.74
N ALA B 228 10.67 -2.89 -24.77
CA ALA B 228 10.68 -4.38 -24.86
C ALA B 228 9.29 -4.96 -24.95
N ALA B 229 8.36 -4.43 -24.14
CA ALA B 229 7.01 -4.91 -24.17
C ALA B 229 6.36 -4.65 -25.55
N ILE B 230 6.64 -3.50 -26.17
CA ILE B 230 6.06 -3.22 -27.52
C ILE B 230 6.59 -4.25 -28.53
N LYS B 231 7.88 -4.51 -28.47
CA LYS B 231 8.50 -5.42 -29.47
C LYS B 231 8.03 -6.85 -29.23
N ARG B 232 8.07 -7.31 -27.98
CA ARG B 232 7.64 -8.70 -27.70
C ARG B 232 6.16 -8.86 -27.97
N SER B 233 5.34 -7.87 -27.55
CA SER B 233 3.91 -7.99 -27.74
C SER B 233 3.46 -8.00 -29.18
N GLN B 234 4.11 -7.20 -30.05
CA GLN B 234 3.73 -7.16 -31.45
C GLN B 234 4.11 -8.52 -32.09
N ALA B 235 5.19 -9.13 -31.62
CA ALA B 235 5.54 -10.49 -32.10
C ALA B 235 4.50 -11.51 -31.64
N LEU B 236 4.10 -11.47 -30.37
CA LEU B 236 3.10 -12.42 -29.85
CA LEU B 236 3.11 -12.42 -29.84
C LEU B 236 1.74 -12.23 -30.50
N GLN B 237 1.42 -10.99 -30.82
CA GLN B 237 0.20 -10.70 -31.48
C GLN B 237 0.09 -11.41 -32.84
N GLN B 238 1.20 -11.45 -33.57
CA GLN B 238 1.28 -12.16 -34.87
C GLN B 238 1.08 -13.68 -34.68
N GLU B 239 1.36 -14.21 -33.48
CA GLU B 239 1.06 -15.63 -33.13
C GLU B 239 -0.38 -15.93 -32.78
N GLY B 240 -1.14 -14.95 -32.30
CA GLY B 240 -2.58 -15.16 -32.12
C GLY B 240 -3.05 -15.33 -30.67
N VAL B 241 -2.29 -14.77 -29.74
CA VAL B 241 -2.62 -14.94 -28.32
C VAL B 241 -3.89 -14.18 -27.96
N THR B 242 -4.46 -14.57 -26.83
CA THR B 242 -5.78 -14.10 -26.44
C THR B 242 -5.66 -12.74 -25.74
N TRP B 243 -4.65 -12.61 -24.89
CA TRP B 243 -4.36 -11.37 -24.24
C TRP B 243 -2.94 -11.32 -23.78
N ILE B 244 -2.44 -10.11 -23.52
CA ILE B 244 -1.07 -9.95 -23.00
C ILE B 244 -1.17 -9.28 -21.64
N GLU B 245 -0.82 -10.02 -20.60
CA GLU B 245 -1.06 -9.60 -19.22
C GLU B 245 0.17 -8.97 -18.54
N GLU B 246 -0.05 -7.87 -17.81
CA GLU B 246 1.04 -7.13 -17.09
C GLU B 246 2.37 -7.14 -17.80
N PRO B 247 2.43 -6.54 -18.99
CA PRO B 247 3.74 -6.48 -19.70
C PRO B 247 4.81 -5.69 -18.92
N THR B 248 4.42 -4.67 -18.15
CA THR B 248 5.40 -3.86 -17.43
C THR B 248 5.05 -3.64 -15.94
N LEU B 249 5.80 -2.78 -15.23
CA LEU B 249 5.60 -2.58 -13.80
C LEU B 249 4.14 -2.25 -13.56
N GLN B 250 3.52 -2.89 -12.58
CA GLN B 250 2.09 -2.85 -12.46
C GLN B 250 1.53 -1.44 -12.16
N HIS B 251 2.31 -0.65 -11.45
CA HIS B 251 1.84 0.70 -11.10
C HIS B 251 1.99 1.67 -12.23
N ASP B 252 2.64 1.27 -13.32
CA ASP B 252 2.90 2.17 -14.39
C ASP B 252 1.74 2.13 -15.38
N TYR B 253 0.64 2.80 -15.01
CA TYR B 253 -0.53 2.83 -15.86
C TYR B 253 -0.26 3.52 -17.18
N GLU B 254 0.46 4.65 -17.16
CA GLU B 254 0.80 5.33 -18.39
C GLU B 254 1.60 4.43 -19.34
N GLY B 255 2.53 3.65 -18.77
CA GLY B 255 3.35 2.77 -19.59
C GLY B 255 2.50 1.68 -20.22
N HIS B 256 1.57 1.12 -19.43
CA HIS B 256 0.60 0.16 -20.01
C HIS B 256 -0.21 0.78 -21.12
N GLN B 257 -0.62 2.04 -20.93
CA GLN B 257 -1.35 2.72 -22.03
C GLN B 257 -0.47 2.84 -23.29
N ARG B 258 0.79 3.24 -23.12
CA ARG B 258 1.70 3.35 -24.29
C ARG B 258 1.85 1.98 -24.99
N ILE B 259 1.94 0.93 -24.20
CA ILE B 259 2.03 -0.43 -24.79
C ILE B 259 0.72 -0.75 -25.52
N GLN B 260 -0.41 -0.55 -24.85
CA GLN B 260 -1.69 -0.84 -25.49
C GLN B 260 -1.91 -0.06 -26.80
N SER B 261 -1.39 1.16 -26.87
CA SER B 261 -1.55 2.04 -28.04
C SER B 261 -0.88 1.46 -29.28
N LYS B 262 0.05 0.51 -29.07
CA LYS B 262 0.80 -0.11 -30.16
C LYS B 262 0.28 -1.50 -30.53
N LEU B 263 -0.87 -1.88 -29.96
CA LEU B 263 -1.35 -3.27 -30.09
C LEU B 263 -2.82 -3.35 -30.50
N ASN B 264 -3.13 -4.36 -31.31
CA ASN B 264 -4.52 -4.81 -31.54
C ASN B 264 -5.02 -5.75 -30.45
N VAL B 265 -4.17 -6.69 -30.08
CA VAL B 265 -4.48 -7.60 -28.99
CA VAL B 265 -4.43 -7.60 -28.96
C VAL B 265 -4.67 -6.80 -27.67
N PRO B 266 -5.60 -7.24 -26.81
CA PRO B 266 -5.80 -6.51 -25.57
C PRO B 266 -4.72 -6.72 -24.52
N VAL B 267 -4.31 -5.63 -23.90
CA VAL B 267 -3.52 -5.67 -22.69
C VAL B 267 -4.49 -5.91 -21.53
N GLN B 268 -4.10 -6.84 -20.67
CA GLN B 268 -4.85 -7.27 -19.49
C GLN B 268 -4.07 -6.88 -18.24
N MET B 269 -4.74 -6.32 -17.24
CA MET B 269 -4.05 -6.06 -15.98
C MET B 269 -5.11 -5.95 -14.89
N GLY B 270 -4.64 -5.75 -13.65
CA GLY B 270 -5.59 -5.45 -12.58
C GLY B 270 -5.44 -6.28 -11.35
N GLU B 271 -4.72 -7.38 -11.46
CA GLU B 271 -4.53 -8.27 -10.32
CA GLU B 271 -4.56 -8.25 -10.31
C GLU B 271 -3.82 -7.54 -9.17
N ASN B 272 -3.12 -6.44 -9.50
CA ASN B 272 -2.37 -5.73 -8.48
C ASN B 272 -3.02 -4.42 -8.01
N TRP B 273 -4.21 -4.14 -8.52
CA TRP B 273 -4.94 -2.94 -8.03
C TRP B 273 -5.37 -3.12 -6.62
N LEU B 274 -4.91 -2.20 -5.74
CA LEU B 274 -5.33 -2.21 -4.34
C LEU B 274 -6.49 -1.24 -4.18
N GLY B 275 -7.69 -1.81 -4.23
CA GLY B 275 -8.92 -1.04 -4.17
C GLY B 275 -9.41 -0.55 -5.53
N PRO B 276 -10.71 -0.30 -5.63
CA PRO B 276 -11.27 0.17 -6.89
C PRO B 276 -10.75 1.55 -7.24
N GLU B 277 -10.18 2.25 -6.27
CA GLU B 277 -9.57 3.58 -6.63
C GLU B 277 -8.37 3.45 -7.54
N GLU B 278 -7.61 2.37 -7.41
CA GLU B 278 -6.50 2.17 -8.31
C GLU B 278 -6.98 1.74 -9.70
N MET B 279 -7.99 0.88 -9.74
CA MET B 279 -8.64 0.53 -10.99
C MET B 279 -9.11 1.79 -11.71
N PHE B 280 -9.76 2.69 -10.96
CA PHE B 280 -10.32 3.88 -11.58
C PHE B 280 -9.19 4.73 -12.20
N LYS B 281 -8.06 4.85 -11.52
CA LYS B 281 -6.93 5.60 -12.08
C LYS B 281 -6.41 4.97 -13.36
N ALA B 282 -6.32 3.63 -13.40
CA ALA B 282 -5.76 2.95 -14.57
C ALA B 282 -6.74 3.04 -15.74
N LEU B 283 -8.04 2.86 -15.47
CA LEU B 283 -9.01 2.92 -16.58
C LEU B 283 -9.19 4.35 -17.09
N SER B 284 -9.00 5.32 -16.20
CA SER B 284 -9.14 6.74 -16.60
C SER B 284 -8.14 7.15 -17.64
N ILE B 285 -6.97 6.50 -17.66
CA ILE B 285 -5.95 6.88 -18.65
C ILE B 285 -5.79 5.85 -19.76
N GLY B 286 -6.66 4.87 -19.79
CA GLY B 286 -6.59 3.90 -20.92
C GLY B 286 -5.47 2.90 -20.84
N ALA B 287 -5.18 2.42 -19.63
CA ALA B 287 -4.05 1.53 -19.42
C ALA B 287 -4.23 0.16 -20.12
N CYS B 288 -5.47 -0.27 -20.31
CA CYS B 288 -5.72 -1.67 -20.71
C CYS B 288 -7.08 -1.79 -21.35
N ARG B 289 -7.32 -2.85 -22.13
CA ARG B 289 -8.66 -3.05 -22.67
C ARG B 289 -9.40 -4.21 -21.98
N LEU B 290 -8.73 -4.89 -21.07
CA LEU B 290 -9.35 -5.96 -20.24
C LEU B 290 -8.93 -5.70 -18.81
N ALA B 291 -9.73 -6.16 -17.84
CA ALA B 291 -9.35 -6.04 -16.43
C ALA B 291 -9.49 -7.38 -15.73
N MET B 292 -8.67 -7.63 -14.72
CA MET B 292 -8.86 -8.84 -13.92
C MET B 292 -8.50 -8.54 -12.46
N PRO B 293 -9.42 -7.90 -11.74
CA PRO B 293 -9.20 -7.66 -10.30
C PRO B 293 -9.00 -8.94 -9.50
N ASP B 294 -8.28 -8.82 -8.39
CA ASP B 294 -8.02 -9.93 -7.48
C ASP B 294 -8.99 -9.72 -6.32
N ALA B 295 -9.77 -10.73 -5.96
CA ALA B 295 -10.80 -10.49 -4.94
C ALA B 295 -10.27 -9.93 -3.63
N MET B 296 -9.06 -10.35 -3.24
CA MET B 296 -8.42 -9.81 -2.05
C MET B 296 -7.96 -8.34 -2.30
N LYS B 297 -7.14 -8.11 -3.31
CA LYS B 297 -6.50 -6.76 -3.44
C LYS B 297 -7.55 -5.69 -3.77
N ILE B 298 -8.60 -6.08 -4.50
CA ILE B 298 -9.62 -5.09 -4.90
C ILE B 298 -10.49 -4.66 -3.73
N GLY B 299 -10.39 -5.37 -2.60
CA GLY B 299 -11.18 -5.02 -1.43
C GLY B 299 -12.34 -5.96 -1.10
N GLY B 300 -12.17 -7.22 -1.45
CA GLY B 300 -13.20 -8.24 -1.11
C GLY B 300 -14.43 -8.09 -1.97
N VAL B 301 -15.55 -8.59 -1.46
CA VAL B 301 -16.81 -8.56 -2.18
C VAL B 301 -17.22 -7.11 -2.40
N THR B 302 -17.10 -6.32 -1.34
CA THR B 302 -17.51 -4.90 -1.37
C THR B 302 -16.73 -4.13 -2.49
N GLY B 303 -15.42 -4.34 -2.52
CA GLY B 303 -14.57 -3.74 -3.55
C GLY B 303 -14.84 -4.29 -4.92
N TRP B 304 -15.08 -5.62 -4.99
CA TRP B 304 -15.36 -6.22 -6.30
C TRP B 304 -16.61 -5.63 -6.92
N ILE B 305 -17.66 -5.48 -6.12
CA ILE B 305 -18.94 -4.96 -6.66
C ILE B 305 -18.73 -3.53 -7.20
N ARG B 306 -17.98 -2.73 -6.46
CA ARG B 306 -17.60 -1.38 -6.94
C ARG B 306 -16.79 -1.45 -8.22
N ALA B 307 -15.78 -2.32 -8.28
CA ALA B 307 -14.96 -2.53 -9.47
C ALA B 307 -15.85 -2.91 -10.67
N SER B 308 -16.86 -3.76 -10.43
CA SER B 308 -17.70 -4.23 -11.50
CA SER B 308 -17.69 -4.22 -11.53
C SER B 308 -18.49 -3.08 -12.14
N ALA B 309 -18.92 -2.12 -11.28
CA ALA B 309 -19.64 -0.92 -11.75
C ALA B 309 -18.70 -0.11 -12.66
N LEU B 310 -17.44 0.00 -12.26
CA LEU B 310 -16.49 0.78 -13.05
C LEU B 310 -16.20 0.09 -14.38
N ALA B 311 -15.92 -1.21 -14.35
CA ALA B 311 -15.64 -1.89 -15.60
C ALA B 311 -16.83 -1.81 -16.58
N GLN B 312 -18.06 -1.87 -16.05
CA GLN B 312 -19.23 -1.73 -16.92
C GLN B 312 -19.21 -0.39 -17.64
N GLN B 313 -18.98 0.71 -16.90
CA GLN B 313 -19.04 2.03 -17.54
C GLN B 313 -17.90 2.32 -18.49
N PHE B 314 -16.71 1.81 -18.19
CA PHE B 314 -15.56 1.99 -19.05
C PHE B 314 -15.53 0.96 -20.20
N GLY B 315 -16.53 0.07 -20.22
CA GLY B 315 -16.59 -0.90 -21.34
C GLY B 315 -15.44 -1.90 -21.35
N ILE B 316 -15.09 -2.41 -20.17
CA ILE B 316 -13.96 -3.33 -20.00
C ILE B 316 -14.45 -4.71 -19.52
N PRO B 317 -14.28 -5.73 -20.36
CA PRO B 317 -14.59 -7.10 -19.91
C PRO B 317 -13.73 -7.46 -18.69
N MET B 318 -14.36 -8.02 -17.66
CA MET B 318 -13.74 -8.17 -16.34
C MET B 318 -13.63 -9.65 -15.99
N SER B 319 -12.40 -10.10 -15.76
CA SER B 319 -12.10 -11.47 -15.31
C SER B 319 -11.65 -11.48 -13.87
N SER B 320 -11.38 -12.67 -13.31
CA SER B 320 -10.86 -12.74 -11.96
C SER B 320 -9.37 -13.08 -11.89
N HIS B 321 -8.79 -12.86 -10.71
CA HIS B 321 -7.42 -13.29 -10.41
C HIS B 321 -7.42 -14.07 -9.15
N LEU B 322 -7.06 -15.35 -9.24
CA LEU B 322 -7.06 -16.21 -8.05
C LEU B 322 -8.40 -16.24 -7.35
N PHE B 323 -8.44 -16.76 -6.12
CA PHE B 323 -9.68 -16.76 -5.33
C PHE B 323 -10.84 -17.37 -6.11
N GLN B 324 -10.57 -18.52 -6.71
CA GLN B 324 -11.59 -19.10 -7.60
C GLN B 324 -12.91 -19.39 -6.90
N GLU B 325 -12.86 -19.77 -5.62
CA GLU B 325 -14.09 -20.13 -4.88
C GLU B 325 -15.10 -18.97 -4.77
N ILE B 326 -14.62 -17.79 -4.38
CA ILE B 326 -15.51 -16.65 -4.28
C ILE B 326 -15.71 -15.99 -5.66
N SER B 327 -14.72 -16.09 -6.54
CA SER B 327 -14.79 -15.43 -7.86
C SER B 327 -15.88 -16.02 -8.76
N ALA B 328 -16.18 -17.32 -8.56
CA ALA B 328 -17.31 -17.89 -9.28
C ALA B 328 -18.63 -17.18 -8.93
N HIS B 329 -18.84 -16.89 -7.65
CA HIS B 329 -20.01 -16.10 -7.24
C HIS B 329 -19.95 -14.68 -7.78
N LEU B 330 -18.80 -14.04 -7.62
CA LEU B 330 -18.71 -12.60 -7.98
C LEU B 330 -18.89 -12.38 -9.46
N LEU B 331 -18.28 -13.23 -10.29
CA LEU B 331 -18.42 -13.07 -11.73
C LEU B 331 -19.84 -13.25 -12.21
N ALA B 332 -20.62 -14.10 -11.53
CA ALA B 332 -22.04 -14.24 -11.85
C ALA B 332 -22.87 -12.95 -11.65
N ALA B 333 -22.38 -12.04 -10.79
CA ALA B 333 -23.03 -10.76 -10.56
C ALA B 333 -22.34 -9.58 -11.31
N THR B 334 -21.41 -9.90 -12.21
CA THR B 334 -20.57 -8.86 -12.85
CA THR B 334 -20.64 -8.83 -12.83
C THR B 334 -21.10 -8.62 -14.26
N PRO B 335 -21.56 -7.36 -14.57
CA PRO B 335 -22.14 -7.07 -15.89
C PRO B 335 -21.24 -7.44 -17.06
N THR B 336 -19.92 -7.23 -16.94
CA THR B 336 -19.03 -7.50 -18.06
C THR B 336 -18.15 -8.75 -17.80
N ALA B 337 -18.67 -9.68 -16.98
CA ALA B 337 -17.93 -10.93 -16.69
C ALA B 337 -17.30 -11.57 -17.95
N HIS B 338 -16.04 -11.95 -17.82
CA HIS B 338 -15.28 -12.45 -18.94
C HIS B 338 -14.79 -13.85 -18.64
N TRP B 339 -13.63 -14.01 -17.99
CA TRP B 339 -13.11 -15.34 -17.61
C TRP B 339 -12.91 -15.48 -16.14
N LEU B 340 -13.02 -16.72 -15.63
CA LEU B 340 -12.54 -17.06 -14.28
C LEU B 340 -11.16 -17.71 -14.40
N GLU B 341 -10.19 -17.27 -13.58
CA GLU B 341 -8.87 -17.91 -13.55
C GLU B 341 -8.91 -19.14 -12.64
N ARG B 342 -8.67 -20.28 -13.24
CA ARG B 342 -8.48 -21.47 -12.44
CA ARG B 342 -8.47 -21.46 -12.43
C ARG B 342 -7.04 -21.67 -11.96
N LEU B 343 -6.73 -21.35 -10.72
CA LEU B 343 -5.40 -21.54 -10.20
C LEU B 343 -5.67 -21.85 -8.76
N ASP B 344 -5.65 -23.15 -8.46
CA ASP B 344 -6.19 -23.64 -7.21
C ASP B 344 -5.18 -23.61 -6.05
N LEU B 345 -4.87 -22.41 -5.58
CA LEU B 345 -3.91 -22.23 -4.50
C LEU B 345 -4.26 -22.89 -3.16
N ALA B 346 -5.55 -22.96 -2.84
CA ALA B 346 -6.00 -23.39 -1.52
C ALA B 346 -6.59 -24.80 -1.49
N GLY B 347 -6.49 -25.51 -2.61
CA GLY B 347 -7.10 -26.85 -2.78
C GLY B 347 -6.67 -27.85 -1.73
N SER B 348 -5.46 -27.67 -1.19
CA SER B 348 -4.97 -28.56 -0.11
C SER B 348 -5.73 -28.42 1.19
N VAL B 349 -6.42 -27.29 1.39
CA VAL B 349 -7.06 -26.99 2.68
C VAL B 349 -8.53 -26.62 2.59
N ILE B 350 -9.09 -26.62 1.38
CA ILE B 350 -10.51 -26.30 1.14
C ILE B 350 -11.14 -27.44 0.36
N GLU B 351 -12.31 -27.91 0.81
CA GLU B 351 -13.04 -29.00 0.11
C GLU B 351 -13.38 -28.57 -1.32
N PRO B 352 -13.27 -29.51 -2.29
CA PRO B 352 -13.51 -29.19 -3.69
C PRO B 352 -14.99 -29.11 -4.05
N THR B 353 -15.71 -28.19 -3.42
CA THR B 353 -17.12 -27.97 -3.69
C THR B 353 -17.39 -27.22 -4.99
N LEU B 354 -16.43 -26.37 -5.39
CA LEU B 354 -16.50 -25.72 -6.69
C LEU B 354 -16.04 -26.76 -7.71
N THR B 355 -16.85 -26.99 -8.74
CA THR B 355 -16.54 -28.01 -9.75
C THR B 355 -16.48 -27.37 -11.10
N PHE B 356 -15.99 -28.10 -12.10
CA PHE B 356 -15.86 -27.58 -13.46
C PHE B 356 -16.54 -28.53 -14.41
N GLU B 357 -17.41 -28.01 -15.25
CA GLU B 357 -18.14 -28.81 -16.22
C GLU B 357 -17.99 -28.18 -17.58
N GLY B 358 -17.33 -28.88 -18.49
CA GLY B 358 -17.08 -28.34 -19.83
C GLY B 358 -16.27 -27.05 -19.75
N GLY B 359 -15.36 -27.01 -18.79
CA GLY B 359 -14.43 -25.88 -18.63
C GLY B 359 -15.09 -24.71 -17.95
N ASN B 360 -16.33 -24.84 -17.52
CA ASN B 360 -17.01 -23.75 -16.79
C ASN B 360 -17.07 -24.02 -15.31
N ALA B 361 -16.79 -23.02 -14.48
CA ALA B 361 -16.89 -23.15 -13.03
C ALA B 361 -18.37 -23.18 -12.63
N VAL B 362 -18.70 -24.12 -11.77
CA VAL B 362 -20.05 -24.26 -11.26
C VAL B 362 -20.09 -24.02 -9.76
N ILE B 363 -20.84 -22.99 -9.37
CA ILE B 363 -21.00 -22.58 -7.97
C ILE B 363 -21.69 -23.70 -7.17
N PRO B 364 -21.15 -24.07 -5.99
CA PRO B 364 -21.85 -25.12 -5.25
C PRO B 364 -23.15 -24.61 -4.63
N ASP B 365 -24.09 -25.53 -4.45
CA ASP B 365 -25.35 -25.22 -3.76
C ASP B 365 -25.14 -25.24 -2.23
N LEU B 366 -24.50 -24.19 -1.70
CA LEU B 366 -24.17 -24.10 -0.29
C LEU B 366 -24.31 -22.63 0.09
N PRO B 367 -24.62 -22.36 1.36
CA PRO B 367 -24.80 -20.96 1.76
C PRO B 367 -23.46 -20.21 1.78
N GLY B 368 -23.51 -18.90 1.57
CA GLY B 368 -22.26 -18.15 1.47
C GLY B 368 -21.42 -18.56 0.26
N VAL B 369 -20.10 -18.65 0.48
CA VAL B 369 -19.18 -18.89 -0.60
C VAL B 369 -19.01 -20.39 -0.91
N GLY B 370 -19.32 -21.24 0.06
CA GLY B 370 -19.11 -22.68 -0.13
C GLY B 370 -17.72 -23.16 0.25
N ILE B 371 -17.04 -22.41 1.11
CA ILE B 371 -15.72 -22.83 1.57
C ILE B 371 -15.91 -23.67 2.83
N ILE B 372 -15.38 -24.90 2.77
CA ILE B 372 -15.35 -25.82 3.93
C ILE B 372 -13.90 -26.21 4.16
N TRP B 373 -13.39 -26.05 5.38
CA TRP B 373 -11.98 -26.34 5.65
C TRP B 373 -11.71 -27.83 5.66
N ARG B 374 -10.53 -28.22 5.18
CA ARG B 374 -10.05 -29.60 5.37
C ARG B 374 -9.25 -29.60 6.66
N GLU B 375 -9.96 -29.67 7.79
CA GLU B 375 -9.35 -29.52 9.11
C GLU B 375 -8.25 -30.51 9.42
N LYS B 376 -8.35 -31.74 8.90
CA LYS B 376 -7.27 -32.71 9.11
C LYS B 376 -6.00 -32.30 8.34
N GLU B 377 -6.16 -31.55 7.25
CA GLU B 377 -5.03 -31.20 6.38
C GLU B 377 -4.29 -29.93 6.82
N ILE B 378 -5.03 -29.03 7.47
CA ILE B 378 -4.50 -27.73 7.85
C ILE B 378 -3.34 -27.88 8.84
N GLY B 379 -3.49 -28.80 9.79
CA GLY B 379 -2.44 -29.10 10.76
C GLY B 379 -1.06 -29.43 10.17
N LYS B 380 -1.04 -30.01 8.97
CA LYS B 380 0.21 -30.35 8.28
C LYS B 380 1.05 -29.14 7.90
N TYR B 381 0.38 -27.99 7.73
CA TYR B 381 0.97 -26.88 6.97
C TYR B 381 1.14 -25.58 7.75
N LEU B 382 0.79 -25.60 9.02
CA LEU B 382 0.87 -24.49 9.96
CA LEU B 382 0.89 -24.47 9.93
C LEU B 382 2.29 -23.91 10.03
N VAL B 383 2.41 -22.60 9.97
CA VAL B 383 3.72 -21.98 10.05
C VAL B 383 4.15 -21.80 11.52
MG MG C . -0.46 16.11 7.92
O01 BFM D . 1.17 11.52 10.74
C02 BFM D . 0.40 12.40 11.57
C03 BFM D . 0.05 13.75 10.87
O04 BFM D . -1.03 14.26 11.19
O05 BFM D . 0.92 14.06 10.09
C06 BFM D . -0.81 11.68 11.85
F07 BFM D . -1.55 12.31 12.83
F08 BFM D . -0.54 10.42 12.28
F09 BFM D . -1.53 11.63 10.75
C10 BFM D . 0.97 12.61 13.03
F11 BFM D . 2.17 12.19 13.20
F12 BFM D . 0.34 11.96 14.01
F13 BFM D . 0.88 13.89 13.37
MG MG E . -0.79 -12.55 -13.61
O01 BFM F . -0.12 -13.83 -8.25
C02 BFM F . 0.51 -14.84 -9.06
C03 BFM F . 0.28 -14.64 -10.61
O04 BFM F . -0.85 -14.28 -10.84
O05 BFM F . 1.25 -14.88 -11.32
C06 BFM F . 1.95 -14.74 -8.71
F07 BFM F . 2.42 -13.55 -9.04
F08 BFM F . 2.76 -15.65 -9.31
F09 BFM F . 2.09 -14.87 -7.36
C10 BFM F . 0.04 -16.27 -8.67
F11 BFM F . -0.12 -16.46 -7.36
F12 BFM F . 0.87 -17.25 -9.05
F13 BFM F . -1.12 -16.54 -9.26
#